data_8VVO
#
_entry.id   8VVO
#
_cell.length_a   71.246
_cell.length_b   90.576
_cell.length_c   214.850
_cell.angle_alpha   90.000
_cell.angle_beta   90.000
_cell.angle_gamma   90.000
#
_symmetry.space_group_name_H-M   'P 21 21 21'
#
loop_
_entity.id
_entity.type
_entity.pdbx_description
1 polymer 'S1CE2 VARIANT OF FAB-EPR-1 heavy chain'
2 polymer 'S1CE2 VARIANT OF FAB-EPR-1 light chain'
3 polymer 'Erythropoietin receptor'
4 non-polymer 'SODIUM ION'
5 non-polymer 'CHLORIDE ION'
#
loop_
_entity_poly.entity_id
_entity_poly.type
_entity_poly.pdbx_seq_one_letter_code
_entity_poly.pdbx_strand_id
1 'polypeptide(L)'
;EVQLVESGGGLVQPGGSLRLSCAASGFNLRSYYMHWVRQAPGKGLEWVASISPYYSYTYYADSVKGRFTISADTSKNTAY
LQMNSLRAEDTAVYYCARHGYGAMDYWGQGTLVTVFNQIQGPSVFPLAPSSKSTSGGTAALGCLVKDYFPGPVTVSWNSG
ALTSGVHTFPAVLQSSGLYSLSSVVTVPSSSLGTQTYICNVNHKPSNTKVDKKVEPKSCDKTHT
;
A,B
2 'polypeptide(L)'
;DIQMTQSPSSLSASVGDRVTITCRASQSVSSAVAWYQQKPGKAPKLLIYSASSLYSGVPSRFSGSRSGTDFTLTISSLQP
EDFATYYCQQSSYSLITFGQGTKVEIKRTVAAPSVFIFPPSDEQLKSGTASVVCLLNNFYPREAKVSWYVDNALQSGNSQ
ESVTEQDSKDSTYSLSSTLTLSKADYEKHKVYACEVTQGTTSVTKSFNRGEC
;
G,C
3 'polypeptide(L)'
;APPPNLPDPKFESKAALLAARGPEELLCFTERLEDLVCFWEEAASAGVGPGNYSFSYQLEDEPWKLCRLHQAPTARGAVR
FWCSLPTADTSSFVPLELRVTAASGAPRYHRVIHINEVVLLDAPVGLVARLADESGHVVLRWLPPPETPMTSHIRYEVDV
SAGNGAGSVQRVEILEGRTECVLSNLRGRTRYTFAVRARMAEPSFGGFWSAWSEPVSLLTPSDLDPHHHHHH
;
I
#
# COMPACT_ATOMS: atom_id res chain seq x y z
N GLU A 1 9.64 2.42 0.06
CA GLU A 1 10.89 1.69 0.12
C GLU A 1 10.66 0.22 -0.18
N VAL A 2 9.49 -0.28 0.21
CA VAL A 2 9.16 -1.68 0.00
C VAL A 2 8.95 -1.93 -1.49
N GLN A 3 9.59 -2.99 -2.00
CA GLN A 3 9.40 -3.43 -3.37
C GLN A 3 9.54 -4.94 -3.40
N LEU A 4 8.62 -5.62 -4.07
CA LEU A 4 8.72 -7.06 -4.30
C LEU A 4 8.94 -7.32 -5.78
N VAL A 5 10.01 -8.04 -6.10
CA VAL A 5 10.38 -8.37 -7.47
C VAL A 5 10.43 -9.88 -7.58
N GLU A 6 9.81 -10.42 -8.64
CA GLU A 6 9.71 -11.86 -8.83
C GLU A 6 10.40 -12.28 -10.11
N SER A 7 10.75 -13.56 -10.18
CA SER A 7 11.44 -14.11 -11.34
C SER A 7 11.17 -15.61 -11.40
N GLY A 8 11.77 -16.25 -12.41
CA GLY A 8 11.74 -17.69 -12.55
C GLY A 8 10.53 -18.26 -13.27
N GLY A 9 9.59 -17.41 -13.69
CA GLY A 9 8.44 -17.91 -14.42
C GLY A 9 8.79 -18.20 -15.86
N GLY A 10 7.89 -18.90 -16.54
CA GLY A 10 8.15 -19.23 -17.93
C GLY A 10 7.21 -20.33 -18.41
N LEU A 11 7.65 -21.00 -19.47
CA LEU A 11 6.96 -22.16 -20.01
C LEU A 11 7.49 -23.44 -19.37
N VAL A 12 6.60 -24.40 -19.19
CA VAL A 12 6.96 -25.69 -18.61
C VAL A 12 6.03 -26.78 -19.12
N GLN A 13 6.61 -27.91 -19.42
CA GLN A 13 5.83 -29.05 -19.86
C GLN A 13 5.20 -29.73 -18.63
N PRO A 14 4.07 -30.41 -18.80
CA PRO A 14 3.37 -30.98 -17.64
C PRO A 14 4.23 -32.01 -16.92
N GLY A 15 4.29 -31.89 -15.60
CA GLY A 15 5.16 -32.71 -14.80
C GLY A 15 6.51 -32.09 -14.55
N GLY A 16 6.88 -31.05 -15.28
CA GLY A 16 8.16 -30.42 -15.13
C GLY A 16 8.22 -29.53 -13.89
N SER A 17 9.32 -28.78 -13.79
CA SER A 17 9.62 -28.06 -12.56
C SER A 17 10.01 -26.61 -12.84
N LEU A 18 9.69 -25.76 -11.86
CA LEU A 18 10.04 -24.34 -11.85
C LEU A 18 10.28 -23.93 -10.42
N ARG A 19 11.23 -23.03 -10.24
CA ARG A 19 11.44 -22.39 -8.95
C ARG A 19 11.25 -20.90 -9.16
N LEU A 20 10.29 -20.33 -8.44
CA LEU A 20 10.05 -18.90 -8.50
C LEU A 20 10.75 -18.24 -7.34
N SER A 21 11.19 -17.02 -7.58
CA SER A 21 11.89 -16.23 -6.58
C SER A 21 11.09 -14.96 -6.35
N CYS A 22 11.24 -14.41 -5.15
CA CYS A 22 10.59 -13.16 -4.80
C CYS A 22 11.58 -12.43 -3.92
N ALA A 23 12.14 -11.36 -4.46
CA ALA A 23 13.20 -10.60 -3.81
C ALA A 23 12.57 -9.38 -3.17
N ALA A 24 12.82 -9.21 -1.88
CA ALA A 24 12.14 -8.21 -1.09
C ALA A 24 13.15 -7.15 -0.66
N SER A 25 12.87 -5.90 -1.03
CA SER A 25 13.67 -4.76 -0.66
C SER A 25 12.81 -3.78 0.11
N GLY A 26 13.31 -3.31 1.25
CA GLY A 26 12.61 -2.29 2.01
C GLY A 26 12.09 -2.77 3.35
N PHE A 27 12.41 -3.99 3.75
CA PHE A 27 11.98 -4.57 5.01
C PHE A 27 12.74 -5.88 5.16
N ASN A 28 12.80 -6.38 6.39
CA ASN A 28 13.42 -7.67 6.61
C ASN A 28 12.37 -8.74 6.43
N LEU A 29 12.76 -9.81 5.75
CA LEU A 29 11.80 -10.85 5.37
C LEU A 29 11.58 -11.85 6.49
N ARG A 30 12.51 -11.97 7.44
CA ARG A 30 12.31 -12.92 8.51
C ARG A 30 11.29 -12.43 9.51
N SER A 31 10.88 -11.16 9.40
CA SER A 31 9.98 -10.56 10.36
C SER A 31 8.60 -10.33 9.77
N TYR A 32 8.25 -11.07 8.72
CA TYR A 32 6.98 -10.85 8.04
C TYR A 32 6.43 -12.17 7.56
N TYR A 33 5.11 -12.24 7.46
CA TYR A 33 4.46 -13.35 6.76
C TYR A 33 4.57 -13.07 5.25
N MET A 34 4.86 -14.10 4.48
CA MET A 34 4.94 -13.99 3.04
C MET A 34 3.97 -14.99 2.41
N HIS A 35 3.20 -14.53 1.42
CA HIS A 35 2.19 -15.37 0.78
C HIS A 35 2.46 -15.45 -0.72
N TRP A 36 2.22 -16.63 -1.29
CA TRP A 36 2.16 -16.79 -2.74
C TRP A 36 0.69 -16.92 -3.16
N VAL A 37 0.25 -16.05 -4.07
CA VAL A 37 -1.10 -16.09 -4.61
C VAL A 37 -1.00 -16.11 -6.13
N ARG A 38 -1.82 -16.94 -6.77
CA ARG A 38 -1.81 -17.07 -8.21
C ARG A 38 -3.15 -16.68 -8.80
N GLN A 39 -3.11 -16.13 -10.02
CA GLN A 39 -4.29 -15.68 -10.75
C GLN A 39 -4.31 -16.35 -12.11
N ALA A 40 -5.19 -17.33 -12.28
CA ALA A 40 -5.34 -17.99 -13.58
C ALA A 40 -5.81 -16.97 -14.61
N PRO A 41 -5.39 -17.10 -15.87
CA PRO A 41 -5.69 -16.05 -16.86
C PRO A 41 -7.20 -15.80 -16.99
N GLY A 42 -7.60 -14.56 -16.73
CA GLY A 42 -9.00 -14.22 -16.79
C GLY A 42 -9.83 -14.78 -15.66
N LYS A 43 -9.20 -15.27 -14.60
CA LYS A 43 -9.88 -15.88 -13.47
C LYS A 43 -9.57 -15.07 -12.21
N GLY A 44 -10.09 -15.55 -11.07
CA GLY A 44 -9.97 -14.83 -9.83
C GLY A 44 -8.64 -15.07 -9.15
N LEU A 45 -8.59 -14.69 -7.87
CA LEU A 45 -7.41 -14.89 -7.05
C LEU A 45 -7.53 -16.18 -6.26
N GLU A 46 -6.42 -16.89 -6.13
CA GLU A 46 -6.39 -18.17 -5.44
C GLU A 46 -5.14 -18.22 -4.58
N TRP A 47 -5.32 -18.36 -3.27
CA TRP A 47 -4.20 -18.46 -2.37
C TRP A 47 -3.51 -19.82 -2.56
N VAL A 48 -2.19 -19.82 -2.41
CA VAL A 48 -1.39 -21.01 -2.70
C VAL A 48 -0.60 -21.45 -1.47
N ALA A 49 0.12 -20.54 -0.83
CA ALA A 49 0.97 -20.95 0.28
C ALA A 49 1.30 -19.76 1.18
N SER A 50 1.89 -20.08 2.32
CA SER A 50 2.30 -19.09 3.32
C SER A 50 3.55 -19.59 4.03
N ILE A 51 4.30 -18.65 4.60
CA ILE A 51 5.45 -18.94 5.44
C ILE A 51 5.44 -17.95 6.59
N SER A 52 5.77 -18.41 7.79
CA SER A 52 5.66 -17.55 8.97
C SER A 52 7.01 -16.97 9.39
N PRO A 53 6.98 -15.83 10.07
CA PRO A 53 8.23 -15.24 10.57
C PRO A 53 8.86 -16.10 11.66
N TYR A 54 10.20 -16.07 11.70
CA TYR A 54 11.02 -16.60 12.78
C TYR A 54 11.03 -18.11 12.92
N TYR A 55 10.00 -18.79 12.43
CA TYR A 55 9.96 -20.24 12.47
C TYR A 55 9.81 -20.88 11.10
N SER A 56 9.64 -20.08 10.05
CA SER A 56 9.50 -20.60 8.69
C SER A 56 8.44 -21.70 8.63
N TYR A 57 7.30 -21.46 9.26
CA TYR A 57 6.20 -22.43 9.24
C TYR A 57 5.47 -22.29 7.92
N THR A 58 5.47 -23.35 7.14
CA THR A 58 4.83 -23.34 5.83
C THR A 58 3.40 -23.82 5.96
N TYR A 59 2.49 -23.17 5.23
CA TYR A 59 1.09 -23.57 5.17
C TYR A 59 0.65 -23.51 3.71
N TYR A 60 -0.01 -24.55 3.22
CA TYR A 60 -0.32 -24.65 1.80
C TYR A 60 -1.82 -24.88 1.60
N ALA A 61 -2.26 -24.70 0.37
CA ALA A 61 -3.63 -24.97 -0.03
C ALA A 61 -3.71 -26.39 -0.57
N ASP A 62 -4.82 -27.08 -0.28
CA ASP A 62 -4.97 -28.48 -0.65
C ASP A 62 -4.76 -28.71 -2.14
N SER A 63 -4.92 -27.68 -2.98
CA SER A 63 -4.75 -27.85 -4.41
C SER A 63 -3.28 -27.67 -4.81
N VAL A 64 -2.42 -27.46 -3.83
CA VAL A 64 -0.99 -27.20 -4.04
C VAL A 64 -0.09 -28.08 -3.18
N LYS A 65 -0.65 -28.73 -2.16
CA LYS A 65 0.14 -29.53 -1.21
C LYS A 65 0.91 -30.66 -1.88
N GLY A 66 2.13 -30.88 -1.39
CA GLY A 66 3.01 -31.93 -1.85
C GLY A 66 3.83 -31.59 -3.06
N ARG A 67 3.19 -30.94 -4.04
CA ARG A 67 3.87 -30.59 -5.27
C ARG A 67 4.61 -29.27 -5.14
N PHE A 68 4.09 -28.34 -4.35
CA PHE A 68 4.74 -27.07 -4.14
C PHE A 68 5.37 -27.05 -2.75
N THR A 69 6.44 -26.28 -2.61
CA THR A 69 7.10 -26.06 -1.32
C THR A 69 7.55 -24.61 -1.26
N ILE A 70 7.11 -23.89 -0.23
CA ILE A 70 7.47 -22.49 -0.03
C ILE A 70 8.64 -22.43 0.94
N SER A 71 9.53 -21.47 0.73
CA SER A 71 10.79 -21.44 1.45
C SER A 71 11.31 -20.01 1.47
N ALA A 72 12.32 -19.77 2.29
CA ALA A 72 12.91 -18.44 2.36
C ALA A 72 14.40 -18.51 2.69
N ASP A 73 15.17 -17.65 2.04
CA ASP A 73 16.58 -17.46 2.37
C ASP A 73 16.66 -16.11 3.07
N THR A 74 16.82 -16.15 4.40
CA THR A 74 16.91 -14.93 5.19
C THR A 74 18.05 -14.05 4.71
N SER A 75 19.21 -14.67 4.44
CA SER A 75 20.39 -13.91 4.06
C SER A 75 20.18 -13.16 2.75
N LYS A 76 19.58 -13.83 1.76
CA LYS A 76 19.30 -13.18 0.49
C LYS A 76 18.06 -12.29 0.54
N ASN A 77 17.33 -12.31 1.65
CA ASN A 77 16.05 -11.61 1.77
C ASN A 77 15.14 -11.95 0.60
N THR A 78 15.02 -13.25 0.34
CA THR A 78 14.23 -13.74 -0.77
C THR A 78 13.42 -14.95 -0.34
N ALA A 79 12.19 -15.04 -0.84
CA ALA A 79 11.30 -16.16 -0.61
C ALA A 79 11.10 -16.91 -1.92
N TYR A 80 11.13 -18.24 -1.86
CA TYR A 80 11.09 -19.07 -3.05
C TYR A 80 9.86 -19.97 -3.01
N LEU A 81 9.28 -20.20 -4.19
CA LEU A 81 8.23 -21.20 -4.36
C LEU A 81 8.71 -22.22 -5.39
N GLN A 82 8.97 -23.44 -4.95
CA GLN A 82 9.30 -24.53 -5.84
C GLN A 82 8.04 -25.28 -6.23
N MET A 83 7.79 -25.39 -7.53
CA MET A 83 6.63 -26.11 -8.04
C MET A 83 7.11 -27.33 -8.82
N ASN A 84 6.72 -28.51 -8.36
CA ASN A 84 7.02 -29.76 -9.02
C ASN A 84 5.72 -30.42 -9.47
N SER A 85 5.85 -31.39 -10.36
CA SER A 85 4.69 -32.12 -10.88
C SER A 85 3.66 -31.16 -11.46
N LEU A 86 4.14 -30.15 -12.18
CA LEU A 86 3.26 -29.09 -12.65
C LEU A 86 2.15 -29.65 -13.54
N ARG A 87 0.99 -29.03 -13.44
CA ARG A 87 -0.20 -29.44 -14.16
C ARG A 87 -0.61 -28.34 -15.13
N ALA A 88 -1.43 -28.71 -16.12
CA ALA A 88 -1.90 -27.72 -17.06
C ALA A 88 -2.69 -26.62 -16.36
N GLU A 89 -3.41 -26.98 -15.30
CA GLU A 89 -4.21 -26.03 -14.56
C GLU A 89 -3.37 -25.04 -13.76
N ASP A 90 -2.10 -25.34 -13.48
CA ASP A 90 -1.27 -24.40 -12.73
C ASP A 90 -0.85 -23.19 -13.55
N THR A 91 -1.17 -23.15 -14.84
CA THR A 91 -0.91 -21.96 -15.66
C THR A 91 -1.61 -20.76 -15.06
N ALA A 92 -0.83 -19.77 -14.63
CA ALA A 92 -1.37 -18.59 -13.97
C ALA A 92 -0.26 -17.58 -13.77
N VAL A 93 -0.65 -16.39 -13.33
CA VAL A 93 0.31 -15.39 -12.84
C VAL A 93 0.42 -15.58 -11.35
N TYR A 94 1.64 -15.68 -10.85
CA TYR A 94 1.90 -15.96 -9.45
C TYR A 94 2.45 -14.70 -8.80
N TYR A 95 1.81 -14.24 -7.73
CA TYR A 95 2.27 -13.07 -7.00
C TYR A 95 2.81 -13.49 -5.64
N CYS A 96 3.74 -12.70 -5.11
CA CYS A 96 4.13 -12.81 -3.70
C CYS A 96 3.71 -11.54 -2.99
N ALA A 97 3.16 -11.70 -1.80
CA ALA A 97 2.62 -10.59 -1.02
C ALA A 97 3.34 -10.50 0.32
N ARG A 98 2.89 -9.56 1.15
CA ARG A 98 3.46 -9.35 2.48
C ARG A 98 2.30 -9.12 3.43
N HIS A 99 2.35 -9.75 4.60
CA HIS A 99 1.24 -9.58 5.54
C HIS A 99 1.35 -8.25 6.24
N GLY A 100 0.26 -7.50 6.25
CA GLY A 100 0.20 -6.22 6.92
C GLY A 100 -1.23 -5.75 7.05
N TYR A 101 -1.62 -5.32 8.25
CA TYR A 101 -2.98 -4.87 8.52
C TYR A 101 -3.99 -6.02 8.46
N GLY A 102 -3.54 -7.25 8.69
CA GLY A 102 -4.44 -8.36 8.63
C GLY A 102 -4.69 -8.89 7.24
N ALA A 103 -3.97 -8.39 6.25
CA ALA A 103 -4.14 -8.79 4.88
C ALA A 103 -2.78 -8.65 4.18
N MET A 104 -2.81 -8.69 2.86
CA MET A 104 -1.60 -8.62 2.06
C MET A 104 -1.50 -7.22 1.49
N ASP A 105 -0.57 -6.42 2.02
CA ASP A 105 -0.51 -5.01 1.64
C ASP A 105 0.41 -4.75 0.45
N TYR A 106 1.57 -5.39 0.38
CA TYR A 106 2.54 -5.14 -0.67
C TYR A 106 2.60 -6.35 -1.60
N TRP A 107 2.34 -6.14 -2.88
CA TRP A 107 2.33 -7.21 -3.85
C TRP A 107 3.40 -7.02 -4.91
N GLY A 108 4.02 -8.13 -5.32
CA GLY A 108 4.93 -8.09 -6.46
C GLY A 108 4.15 -7.77 -7.73
N GLN A 109 4.91 -7.62 -8.81
CA GLN A 109 4.28 -7.46 -10.12
C GLN A 109 3.76 -8.77 -10.70
N GLY A 110 4.22 -9.89 -10.18
CA GLY A 110 3.75 -11.18 -10.67
C GLY A 110 4.62 -11.73 -11.78
N THR A 111 4.66 -13.05 -11.84
CA THR A 111 5.39 -13.76 -12.89
C THR A 111 4.48 -14.83 -13.47
N LEU A 112 4.59 -15.03 -14.78
CA LEU A 112 3.65 -15.89 -15.51
C LEU A 112 4.23 -17.28 -15.68
N VAL A 113 3.45 -18.28 -15.27
CA VAL A 113 3.77 -19.68 -15.47
C VAL A 113 2.84 -20.20 -16.54
N THR A 114 3.41 -20.70 -17.62
CA THR A 114 2.65 -21.29 -18.71
C THR A 114 2.99 -22.77 -18.75
N VAL A 115 1.98 -23.62 -18.65
CA VAL A 115 2.16 -25.06 -18.74
C VAL A 115 1.63 -25.47 -20.11
N PHE A 116 2.56 -25.79 -21.02
CA PHE A 116 2.20 -26.15 -22.38
C PHE A 116 2.52 -27.62 -22.62
N ASN A 117 1.85 -28.21 -23.60
N ASN A 117 1.82 -28.21 -23.59
CA ASN A 117 2.18 -29.53 -24.09
CA ASN A 117 2.14 -29.54 -24.10
C ASN A 117 3.00 -29.50 -25.37
C ASN A 117 3.02 -29.46 -25.34
N GLN A 118 2.66 -28.60 -26.29
CA GLN A 118 3.29 -28.54 -27.59
C GLN A 118 3.14 -27.11 -28.08
N ILE A 119 4.24 -26.52 -28.57
CA ILE A 119 4.27 -25.11 -28.95
C ILE A 119 4.01 -25.01 -30.44
N GLN A 120 2.97 -24.27 -30.82
CA GLN A 120 2.61 -24.09 -32.23
C GLN A 120 2.55 -22.61 -32.57
N GLY A 121 3.21 -22.23 -33.66
CA GLY A 121 3.20 -20.87 -34.12
C GLY A 121 1.89 -20.50 -34.79
N PRO A 122 1.62 -19.21 -34.88
CA PRO A 122 0.32 -18.74 -35.41
C PRO A 122 0.34 -18.55 -36.92
N SER A 123 -0.87 -18.61 -37.48
CA SER A 123 -1.13 -18.29 -38.88
C SER A 123 -1.98 -17.04 -38.95
N VAL A 124 -1.62 -16.13 -39.86
CA VAL A 124 -2.22 -14.80 -39.91
C VAL A 124 -2.86 -14.59 -41.28
N PHE A 125 -4.16 -14.32 -41.29
CA PHE A 125 -4.93 -14.14 -42.50
C PHE A 125 -5.51 -12.72 -42.55
N PRO A 126 -5.65 -12.14 -43.74
CA PRO A 126 -6.14 -10.76 -43.82
C PRO A 126 -7.65 -10.67 -43.68
N LEU A 127 -8.08 -9.71 -42.86
CA LEU A 127 -9.48 -9.30 -42.78
C LEU A 127 -9.61 -8.08 -43.69
N ALA A 128 -9.77 -8.36 -44.97
CA ALA A 128 -9.62 -7.29 -45.95
C ALA A 128 -10.85 -6.38 -45.94
N PRO A 129 -10.66 -5.08 -46.16
CA PRO A 129 -11.79 -4.16 -46.29
C PRO A 129 -12.30 -4.16 -47.74
N SER A 130 -13.42 -3.50 -47.94
CA SER A 130 -14.02 -3.34 -49.25
C SER A 130 -13.66 -1.97 -49.81
N SER A 131 -13.21 -1.94 -51.06
CA SER A 131 -12.98 -0.67 -51.75
C SER A 131 -14.25 -0.18 -52.45
N LYS A 132 -15.28 -1.01 -52.52
CA LYS A 132 -16.56 -0.69 -53.12
C LYS A 132 -17.69 -0.69 -52.10
N SER A 133 -17.77 -1.74 -51.26
CA SER A 133 -18.80 -1.82 -50.20
C SER A 133 -18.21 -1.17 -48.95
N THR A 134 -17.71 0.05 -49.09
CA THR A 134 -17.02 0.67 -47.94
C THR A 134 -17.91 1.74 -47.31
N SER A 135 -17.69 3.02 -47.67
CA SER A 135 -18.45 4.11 -47.02
C SER A 135 -18.50 3.85 -45.52
N GLY A 136 -19.65 3.37 -45.01
CA GLY A 136 -19.82 3.18 -43.56
C GLY A 136 -19.16 4.29 -42.78
N GLY A 137 -19.18 5.52 -43.28
CA GLY A 137 -18.43 6.62 -42.65
C GLY A 137 -16.95 6.32 -42.79
N THR A 138 -16.48 5.22 -42.20
CA THR A 138 -15.08 4.78 -42.31
C THR A 138 -15.08 3.29 -42.65
N ALA A 139 -13.91 2.70 -42.88
CA ALA A 139 -13.84 1.29 -43.29
C ALA A 139 -13.13 0.48 -42.21
N ALA A 140 -13.24 -0.84 -42.26
CA ALA A 140 -12.67 -1.65 -41.19
C ALA A 140 -11.93 -2.85 -41.75
N LEU A 141 -10.69 -3.02 -41.32
CA LEU A 141 -9.80 -4.09 -41.76
C LEU A 141 -9.16 -4.72 -40.54
N GLY A 142 -8.57 -5.90 -40.72
CA GLY A 142 -7.97 -6.58 -39.59
C GLY A 142 -7.10 -7.74 -39.99
N CYS A 143 -6.58 -8.43 -38.97
CA CYS A 143 -5.77 -9.63 -39.13
C CYS A 143 -6.37 -10.75 -38.29
N LEU A 144 -6.40 -11.96 -38.87
CA LEU A 144 -6.90 -13.14 -38.16
C LEU A 144 -5.71 -14.01 -37.77
N VAL A 145 -5.29 -13.91 -36.51
CA VAL A 145 -4.26 -14.79 -35.95
C VAL A 145 -4.93 -16.07 -35.47
N LYS A 146 -4.64 -17.18 -36.14
CA LYS A 146 -5.35 -18.43 -35.91
C LYS A 146 -4.38 -19.54 -35.53
N ASP A 147 -4.86 -20.46 -34.69
CA ASP A 147 -4.23 -21.76 -34.42
C ASP A 147 -2.81 -21.63 -33.91
N TYR A 148 -2.70 -21.09 -32.69
CA TYR A 148 -1.44 -20.97 -31.97
C TYR A 148 -1.60 -21.49 -30.54
N PHE A 149 -0.47 -21.90 -29.95
CA PHE A 149 -0.43 -22.37 -28.57
C PHE A 149 1.01 -22.40 -28.05
N PRO A 150 1.25 -22.03 -26.79
CA PRO A 150 0.28 -21.44 -25.86
C PRO A 150 0.14 -19.95 -26.08
N GLY A 151 -0.39 -19.24 -25.10
CA GLY A 151 -0.38 -17.79 -25.14
C GLY A 151 0.95 -17.24 -24.68
N PRO A 152 1.15 -15.94 -24.95
CA PRO A 152 0.21 -15.11 -25.69
C PRO A 152 0.75 -14.69 -27.06
N VAL A 153 -0.15 -14.28 -27.94
CA VAL A 153 0.22 -13.51 -29.13
C VAL A 153 -0.10 -12.06 -28.83
N THR A 154 0.73 -11.15 -29.32
CA THR A 154 0.47 -9.73 -29.24
C THR A 154 0.36 -9.19 -30.64
N VAL A 155 -0.60 -8.32 -30.87
CA VAL A 155 -0.80 -7.70 -32.18
C VAL A 155 -0.58 -6.20 -32.03
N SER A 156 0.12 -5.64 -33.02
CA SER A 156 0.29 -4.21 -33.16
C SER A 156 -0.01 -3.86 -34.61
N TRP A 157 -0.27 -2.58 -34.85
CA TRP A 157 -0.57 -2.11 -36.19
C TRP A 157 0.44 -1.05 -36.58
N ASN A 158 0.88 -1.09 -37.83
CA ASN A 158 1.90 -0.19 -38.38
C ASN A 158 3.07 0.01 -37.40
N SER A 159 3.55 -1.12 -36.85
CA SER A 159 4.72 -1.15 -35.96
C SER A 159 4.61 -0.13 -34.82
N GLY A 160 3.39 0.20 -34.41
CA GLY A 160 3.15 1.13 -33.32
C GLY A 160 2.53 2.43 -33.75
N ALA A 161 2.63 2.79 -35.04
CA ALA A 161 2.10 4.08 -35.49
C ALA A 161 0.59 4.14 -35.36
N LEU A 162 -0.11 3.07 -35.76
CA LEU A 162 -1.55 2.98 -35.67
C LEU A 162 -1.98 2.40 -34.33
N THR A 163 -2.68 3.21 -33.51
CA THR A 163 -3.15 2.70 -32.22
C THR A 163 -4.63 2.96 -31.98
N SER A 164 -5.16 4.11 -32.40
CA SER A 164 -6.52 4.48 -32.04
C SER A 164 -7.53 3.72 -32.90
N GLY A 165 -8.55 3.18 -32.26
CA GLY A 165 -9.55 2.39 -32.94
C GLY A 165 -9.11 0.98 -33.22
N VAL A 166 -8.00 0.53 -32.63
CA VAL A 166 -7.58 -0.85 -32.74
C VAL A 166 -8.31 -1.66 -31.67
N HIS A 167 -8.91 -2.77 -32.08
CA HIS A 167 -9.54 -3.69 -31.14
C HIS A 167 -8.96 -5.08 -31.41
N THR A 168 -7.99 -5.50 -30.60
CA THR A 168 -7.44 -6.84 -30.65
C THR A 168 -8.19 -7.68 -29.62
N PHE A 169 -8.99 -8.62 -30.10
CA PHE A 169 -9.91 -9.35 -29.25
C PHE A 169 -9.18 -10.30 -28.33
N PRO A 170 -9.79 -10.64 -27.19
CA PRO A 170 -9.24 -11.70 -26.34
C PRO A 170 -9.18 -13.03 -27.09
N ALA A 171 -8.29 -13.89 -26.63
CA ALA A 171 -8.15 -15.17 -27.29
C ALA A 171 -9.33 -16.05 -26.94
N VAL A 172 -9.67 -16.95 -27.86
CA VAL A 172 -10.67 -17.98 -27.62
C VAL A 172 -10.03 -19.31 -27.94
N LEU A 173 -10.22 -20.28 -27.06
CA LEU A 173 -9.71 -21.62 -27.30
C LEU A 173 -10.67 -22.33 -28.25
N GLN A 174 -10.20 -22.66 -29.44
CA GLN A 174 -11.07 -23.40 -30.33
C GLN A 174 -11.17 -24.85 -29.85
N SER A 175 -12.15 -25.57 -30.39
CA SER A 175 -12.30 -26.98 -30.06
C SER A 175 -11.06 -27.78 -30.45
N SER A 176 -10.27 -27.26 -31.39
CA SER A 176 -9.02 -27.88 -31.81
C SER A 176 -7.97 -27.88 -30.70
N GLY A 177 -8.22 -27.17 -29.60
CA GLY A 177 -7.27 -27.11 -28.50
C GLY A 177 -6.31 -25.95 -28.59
N LEU A 178 -6.27 -25.24 -29.70
CA LEU A 178 -5.38 -24.12 -29.94
C LEU A 178 -6.14 -22.81 -29.75
N TYR A 179 -5.39 -21.74 -29.57
CA TYR A 179 -6.02 -20.43 -29.42
C TYR A 179 -6.25 -19.78 -30.78
N SER A 180 -6.96 -18.65 -30.77
CA SER A 180 -7.26 -17.90 -31.98
C SER A 180 -7.83 -16.54 -31.64
N LEU A 181 -7.30 -15.46 -32.23
CA LEU A 181 -7.85 -14.14 -31.98
C LEU A 181 -7.85 -13.30 -33.26
N SER A 182 -8.46 -12.12 -33.16
CA SER A 182 -8.60 -11.19 -34.25
C SER A 182 -8.25 -9.79 -33.76
N SER A 183 -7.56 -9.03 -34.61
CA SER A 183 -7.31 -7.62 -34.36
C SER A 183 -7.93 -6.81 -35.50
N VAL A 184 -8.83 -5.89 -35.16
CA VAL A 184 -9.50 -5.06 -36.14
C VAL A 184 -9.14 -3.60 -35.91
N VAL A 185 -9.14 -2.82 -37.00
CA VAL A 185 -8.94 -1.38 -36.93
C VAL A 185 -9.92 -0.69 -37.88
N THR A 186 -10.42 0.49 -37.48
CA THR A 186 -11.27 1.31 -38.33
C THR A 186 -10.44 2.46 -38.89
N VAL A 187 -10.52 2.67 -40.20
CA VAL A 187 -9.69 3.65 -40.92
C VAL A 187 -10.55 4.40 -41.92
N PRO A 188 -10.15 5.62 -42.27
CA PRO A 188 -10.91 6.38 -43.29
C PRO A 188 -10.90 5.67 -44.63
N SER A 189 -12.08 5.65 -45.27
CA SER A 189 -12.20 4.95 -46.54
C SER A 189 -11.39 5.62 -47.63
N SER A 190 -11.21 6.94 -47.55
CA SER A 190 -10.40 7.65 -48.53
C SER A 190 -8.95 7.21 -48.51
N SER A 191 -8.43 6.84 -47.34
CA SER A 191 -7.03 6.45 -47.20
C SER A 191 -6.75 5.04 -47.68
N LEU A 192 -7.79 4.27 -48.03
CA LEU A 192 -7.62 2.85 -48.29
C LEU A 192 -6.65 2.59 -49.44
N GLY A 193 -6.55 3.53 -50.37
CA GLY A 193 -5.68 3.36 -51.52
C GLY A 193 -4.33 4.04 -51.34
N THR A 194 -4.20 4.82 -50.27
CA THR A 194 -2.96 5.55 -49.99
C THR A 194 -2.20 5.03 -48.78
N GLN A 195 -2.88 4.74 -47.66
CA GLN A 195 -2.21 4.20 -46.49
C GLN A 195 -2.06 2.70 -46.56
N THR A 196 -0.84 2.22 -46.30
CA THR A 196 -0.57 0.80 -46.16
C THR A 196 -0.77 0.45 -44.70
N TYR A 197 -1.38 -0.70 -44.46
CA TYR A 197 -1.74 -1.11 -43.10
C TYR A 197 -1.12 -2.47 -42.84
N ILE A 198 -0.21 -2.52 -41.86
CA ILE A 198 0.53 -3.73 -41.52
C ILE A 198 0.18 -4.07 -40.09
N CYS A 199 -0.34 -5.27 -39.87
CA CYS A 199 -0.47 -5.79 -38.52
C CYS A 199 0.79 -6.56 -38.18
N ASN A 200 1.25 -6.42 -36.96
CA ASN A 200 2.47 -7.10 -36.51
C ASN A 200 2.09 -8.05 -35.37
N VAL A 201 2.13 -9.35 -35.66
CA VAL A 201 1.80 -10.38 -34.70
C VAL A 201 3.09 -10.94 -34.14
N ASN A 202 3.21 -10.96 -32.82
CA ASN A 202 4.35 -11.58 -32.15
C ASN A 202 3.85 -12.67 -31.22
N HIS A 203 4.38 -13.88 -31.40
CA HIS A 203 4.06 -15.04 -30.57
C HIS A 203 5.39 -15.60 -30.09
N LYS A 204 5.83 -15.12 -28.92
CA LYS A 204 7.17 -15.46 -28.44
C LYS A 204 7.41 -16.98 -28.28
N PRO A 205 6.50 -17.79 -27.72
CA PRO A 205 6.85 -19.21 -27.48
C PRO A 205 7.28 -19.95 -28.74
N SER A 206 6.75 -19.58 -29.91
CA SER A 206 7.19 -20.15 -31.18
C SER A 206 8.19 -19.26 -31.88
N ASN A 207 8.60 -18.17 -31.22
CA ASN A 207 9.59 -17.23 -31.75
C ASN A 207 9.24 -16.79 -33.16
N THR A 208 7.97 -16.47 -33.37
CA THR A 208 7.45 -16.08 -34.67
C THR A 208 7.05 -14.62 -34.64
N LYS A 209 7.38 -13.90 -35.71
CA LYS A 209 7.00 -12.50 -35.84
C LYS A 209 6.55 -12.27 -37.28
N VAL A 210 5.29 -11.90 -37.45
CA VAL A 210 4.66 -11.79 -38.76
C VAL A 210 4.30 -10.33 -39.01
N ASP A 211 4.63 -9.85 -40.20
CA ASP A 211 4.21 -8.54 -40.67
C ASP A 211 3.40 -8.77 -41.94
N LYS A 212 2.08 -8.64 -41.82
CA LYS A 212 1.12 -8.86 -42.89
C LYS A 212 0.60 -7.52 -43.39
N LYS A 213 0.49 -7.38 -44.70
CA LYS A 213 -0.16 -6.22 -45.29
C LYS A 213 -1.60 -6.58 -45.57
N VAL A 214 -2.51 -5.99 -44.79
CA VAL A 214 -3.93 -6.07 -45.11
C VAL A 214 -4.20 -5.03 -46.18
N GLU A 215 -4.69 -5.48 -47.33
CA GLU A 215 -4.82 -4.65 -48.50
C GLU A 215 -6.27 -4.76 -48.98
N PRO A 216 -6.84 -3.69 -49.54
CA PRO A 216 -8.24 -3.73 -49.97
C PRO A 216 -8.48 -4.92 -50.89
N LYS A 217 -9.71 -5.42 -50.88
CA LYS A 217 -10.01 -6.65 -51.61
C LYS A 217 -10.40 -6.22 -53.01
N SER A 218 -9.39 -6.23 -53.89
CA SER A 218 -9.55 -5.91 -55.30
C SER A 218 -9.62 -7.20 -56.10
N CYS A 219 -9.88 -7.06 -57.40
CA CYS A 219 -10.06 -8.22 -58.27
C CYS A 219 -9.80 -7.89 -59.73
N ILE B 2 -13.85 -23.14 4.55
CA ILE B 2 -14.30 -21.75 4.61
C ILE B 2 -14.45 -21.19 3.20
N GLN B 3 -15.71 -20.98 2.81
CA GLN B 3 -16.06 -20.57 1.46
C GLN B 3 -16.58 -19.13 1.48
N MET B 4 -15.90 -18.24 0.76
CA MET B 4 -16.33 -16.85 0.62
C MET B 4 -17.02 -16.67 -0.73
N THR B 5 -18.26 -16.22 -0.71
CA THR B 5 -19.11 -16.12 -1.90
C THR B 5 -19.49 -14.67 -2.13
N GLN B 6 -18.95 -14.07 -3.19
CA GLN B 6 -19.27 -12.70 -3.56
C GLN B 6 -20.56 -12.62 -4.38
N SER B 7 -21.28 -11.52 -4.20
CA SER B 7 -22.40 -11.17 -5.07
C SER B 7 -22.47 -9.65 -5.17
N PRO B 8 -22.78 -9.09 -6.35
CA PRO B 8 -22.92 -9.82 -7.59
C PRO B 8 -21.56 -10.17 -8.17
N SER B 9 -21.51 -10.99 -9.22
CA SER B 9 -20.25 -11.19 -9.92
C SER B 9 -19.93 -10.00 -10.82
N SER B 10 -20.94 -9.29 -11.31
CA SER B 10 -20.72 -8.04 -12.03
C SER B 10 -21.96 -7.17 -11.93
N LEU B 11 -21.74 -5.85 -12.04
CA LEU B 11 -22.81 -4.87 -12.05
C LEU B 11 -22.38 -3.66 -12.85
N SER B 12 -23.34 -2.98 -13.48
CA SER B 12 -23.09 -1.79 -14.27
C SER B 12 -23.72 -0.57 -13.60
N ALA B 13 -22.92 0.47 -13.38
CA ALA B 13 -23.35 1.69 -12.72
C ALA B 13 -22.76 2.88 -13.46
N SER B 14 -23.33 4.05 -13.23
CA SER B 14 -22.86 5.28 -13.85
C SER B 14 -21.92 6.01 -12.90
N VAL B 15 -21.18 6.97 -13.45
CA VAL B 15 -20.29 7.78 -12.62
C VAL B 15 -21.12 8.52 -11.59
N GLY B 16 -20.66 8.51 -10.34
CA GLY B 16 -21.37 9.17 -9.27
C GLY B 16 -22.39 8.31 -8.55
N ASP B 17 -22.59 7.07 -8.98
CA ASP B 17 -23.56 6.16 -8.36
C ASP B 17 -22.97 5.54 -7.10
N ARG B 18 -23.85 5.23 -6.15
CA ARG B 18 -23.47 4.48 -4.96
C ARG B 18 -23.69 2.99 -5.20
N VAL B 19 -22.64 2.20 -5.00
CA VAL B 19 -22.64 0.79 -5.36
C VAL B 19 -22.14 -0.03 -4.17
N THR B 20 -22.83 -1.13 -3.88
CA THR B 20 -22.56 -1.96 -2.71
C THR B 20 -22.30 -3.40 -3.14
N ILE B 21 -21.12 -3.92 -2.81
CA ILE B 21 -20.73 -5.30 -3.09
C ILE B 21 -20.79 -6.10 -1.78
N THR B 22 -21.34 -7.31 -1.86
CA THR B 22 -21.52 -8.17 -0.70
C THR B 22 -20.69 -9.44 -0.82
N CYS B 23 -20.25 -9.95 0.32
CA CYS B 23 -19.38 -11.11 0.40
C CYS B 23 -19.88 -11.99 1.54
N ARG B 24 -20.28 -13.22 1.23
CA ARG B 24 -20.95 -14.09 2.19
C ARG B 24 -20.00 -15.18 2.66
N ALA B 25 -19.75 -15.21 3.97
CA ALA B 25 -18.90 -16.21 4.60
C ALA B 25 -19.73 -17.38 5.10
N SER B 26 -19.14 -18.58 5.08
CA SER B 26 -19.83 -19.80 5.47
C SER B 26 -19.55 -20.21 6.92
N GLN B 27 -18.28 -20.42 7.27
CA GLN B 27 -17.99 -20.93 8.59
C GLN B 27 -17.76 -19.75 9.52
N SER B 28 -17.70 -20.03 10.83
CA SER B 28 -17.51 -18.95 11.79
C SER B 28 -16.28 -18.14 11.38
N VAL B 29 -16.53 -16.92 10.94
CA VAL B 29 -15.56 -16.15 10.17
C VAL B 29 -15.08 -14.98 11.01
N SER B 30 -13.77 -14.86 11.19
CA SER B 30 -13.28 -13.76 12.01
C SER B 30 -13.45 -12.46 11.23
N SER B 31 -13.13 -11.34 11.89
CA SER B 31 -13.25 -10.07 11.19
C SER B 31 -11.90 -9.62 10.65
N ALA B 32 -11.24 -10.58 10.01
CA ALA B 32 -9.99 -10.40 9.31
C ALA B 32 -10.20 -10.32 7.81
N VAL B 33 -11.26 -9.63 7.38
CA VAL B 33 -11.66 -9.61 5.97
C VAL B 33 -11.11 -8.35 5.33
N ALA B 34 -10.58 -8.50 4.12
CA ALA B 34 -9.99 -7.40 3.38
C ALA B 34 -10.61 -7.31 2.00
N TRP B 35 -10.50 -6.11 1.42
CA TRP B 35 -11.08 -5.83 0.12
C TRP B 35 -9.97 -5.36 -0.81
N TYR B 36 -10.02 -5.80 -2.05
CA TYR B 36 -8.97 -5.52 -3.01
C TYR B 36 -9.53 -4.95 -4.29
N GLN B 37 -8.72 -4.13 -4.95
CA GLN B 37 -8.98 -3.63 -6.28
C GLN B 37 -7.97 -4.22 -7.24
N GLN B 38 -8.44 -4.65 -8.41
CA GLN B 38 -7.55 -5.13 -9.47
C GLN B 38 -8.02 -4.54 -10.79
N LYS B 39 -7.16 -3.80 -11.43
CA LYS B 39 -7.36 -3.32 -12.79
C LYS B 39 -6.59 -4.21 -13.76
N PRO B 40 -7.02 -4.26 -15.03
CA PRO B 40 -6.39 -5.20 -15.98
C PRO B 40 -4.87 -5.12 -16.04
N GLY B 41 -4.19 -6.22 -15.73
CA GLY B 41 -2.75 -6.31 -15.82
C GLY B 41 -1.99 -5.83 -14.59
N LYS B 42 -2.64 -5.09 -13.71
CA LYS B 42 -1.99 -4.64 -12.49
C LYS B 42 -2.21 -5.65 -11.36
N ALA B 43 -1.32 -5.59 -10.36
CA ALA B 43 -1.47 -6.43 -9.19
C ALA B 43 -2.67 -5.96 -8.37
N PRO B 44 -3.19 -6.81 -7.48
CA PRO B 44 -4.24 -6.37 -6.57
C PRO B 44 -3.77 -5.22 -5.69
N LYS B 45 -4.69 -4.30 -5.40
CA LYS B 45 -4.41 -3.14 -4.56
C LYS B 45 -5.32 -3.19 -3.35
N LEU B 46 -4.74 -3.08 -2.16
CA LEU B 46 -5.52 -3.17 -0.93
C LEU B 46 -6.34 -1.90 -0.74
N LEU B 47 -7.59 -2.08 -0.31
CA LEU B 47 -8.45 -0.95 0.02
C LEU B 47 -8.83 -0.95 1.49
N ILE B 48 -9.41 -2.04 2.00
CA ILE B 48 -9.95 -2.09 3.34
C ILE B 48 -9.39 -3.30 4.06
N TYR B 49 -9.20 -3.16 5.37
CA TYR B 49 -8.68 -4.21 6.23
C TYR B 49 -9.42 -4.16 7.56
N SER B 50 -9.39 -5.27 8.28
CA SER B 50 -10.17 -5.43 9.51
C SER B 50 -11.64 -5.07 9.28
N ALA B 51 -12.09 -5.28 8.04
CA ALA B 51 -13.48 -5.24 7.58
C ALA B 51 -14.08 -3.84 7.51
N SER B 52 -13.46 -2.86 8.17
CA SER B 52 -14.01 -1.50 8.21
C SER B 52 -12.97 -0.39 8.13
N SER B 53 -11.68 -0.68 8.30
CA SER B 53 -10.66 0.35 8.37
C SER B 53 -10.11 0.64 6.98
N LEU B 54 -10.01 1.92 6.65
CA LEU B 54 -9.55 2.34 5.33
C LEU B 54 -8.04 2.31 5.27
N TYR B 55 -7.50 1.63 4.27
CA TYR B 55 -6.04 1.61 4.09
C TYR B 55 -5.55 3.01 3.77
N SER B 56 -4.35 3.33 4.25
CA SER B 56 -3.81 4.66 4.05
C SER B 56 -3.72 4.98 2.56
N GLY B 57 -4.34 6.09 2.17
CA GLY B 57 -4.36 6.52 0.79
C GLY B 57 -5.59 6.14 0.01
N VAL B 58 -6.42 5.24 0.53
CA VAL B 58 -7.66 4.87 -0.16
C VAL B 58 -8.68 5.98 0.03
N PRO B 59 -9.33 6.45 -1.04
CA PRO B 59 -10.27 7.56 -0.91
C PRO B 59 -11.44 7.23 0.01
N SER B 60 -12.02 8.29 0.57
CA SER B 60 -13.08 8.14 1.57
C SER B 60 -14.32 7.47 1.02
N ARG B 61 -14.47 7.41 -0.31
CA ARG B 61 -15.65 6.78 -0.90
C ARG B 61 -15.75 5.32 -0.49
N PHE B 62 -14.61 4.67 -0.31
CA PHE B 62 -14.57 3.26 0.01
C PHE B 62 -14.84 3.04 1.49
N SER B 63 -15.75 2.12 1.79
CA SER B 63 -16.14 1.83 3.16
C SER B 63 -16.41 0.34 3.29
N GLY B 64 -16.21 -0.16 4.51
CA GLY B 64 -16.48 -1.55 4.80
C GLY B 64 -17.38 -1.65 6.01
N SER B 65 -18.20 -2.70 6.01
CA SER B 65 -19.09 -2.94 7.12
C SER B 65 -19.32 -4.44 7.24
N ARG B 66 -19.74 -4.85 8.43
CA ARG B 66 -20.01 -6.24 8.73
C ARG B 66 -21.40 -6.36 9.31
N SER B 67 -22.13 -7.38 8.88
CA SER B 67 -23.48 -7.67 9.35
C SER B 67 -23.61 -9.16 9.66
N GLY B 68 -22.76 -9.64 10.55
CA GLY B 68 -22.70 -11.06 10.84
C GLY B 68 -21.85 -11.80 9.84
N THR B 69 -22.47 -12.61 8.98
CA THR B 69 -21.75 -13.36 7.95
C THR B 69 -21.79 -12.67 6.59
N ASP B 70 -22.32 -11.45 6.51
CA ASP B 70 -22.34 -10.66 5.28
C ASP B 70 -21.40 -9.47 5.44
N PHE B 71 -20.34 -9.45 4.64
CA PHE B 71 -19.38 -8.36 4.63
C PHE B 71 -19.56 -7.55 3.36
N THR B 72 -19.66 -6.23 3.50
CA THR B 72 -19.93 -5.35 2.37
C THR B 72 -18.84 -4.30 2.16
N LEU B 73 -18.46 -4.13 0.90
CA LEU B 73 -17.69 -2.99 0.42
C LEU B 73 -18.61 -2.02 -0.32
N THR B 74 -18.57 -0.74 0.06
CA THR B 74 -19.41 0.27 -0.54
C THR B 74 -18.59 1.45 -1.05
N ILE B 75 -18.84 1.87 -2.28
CA ILE B 75 -18.27 3.09 -2.84
C ILE B 75 -19.35 4.15 -2.80
N SER B 76 -19.07 5.28 -2.15
CA SER B 76 -20.11 6.27 -1.89
C SER B 76 -20.57 6.93 -3.19
N SER B 77 -19.64 7.35 -4.04
CA SER B 77 -19.98 7.98 -5.31
C SER B 77 -18.93 7.58 -6.31
N LEU B 78 -19.31 6.76 -7.29
CA LEU B 78 -18.33 6.21 -8.22
C LEU B 78 -17.63 7.29 -9.02
N GLN B 79 -16.31 7.22 -9.07
CA GLN B 79 -15.48 8.02 -9.94
C GLN B 79 -14.86 7.13 -11.01
N PRO B 80 -14.46 7.69 -12.16
CA PRO B 80 -14.02 6.83 -13.28
C PRO B 80 -12.88 5.87 -12.96
N GLU B 81 -12.00 6.20 -12.03
CA GLU B 81 -10.89 5.31 -11.69
C GLU B 81 -11.30 4.15 -10.79
N ASP B 82 -12.59 4.00 -10.52
CA ASP B 82 -13.08 2.96 -9.63
C ASP B 82 -13.56 1.72 -10.35
N PHE B 83 -13.79 1.80 -11.66
CA PHE B 83 -14.33 0.67 -12.41
C PHE B 83 -13.21 -0.35 -12.62
N ALA B 84 -13.31 -1.47 -11.93
CA ALA B 84 -12.27 -2.50 -11.91
C ALA B 84 -12.90 -3.77 -11.39
N THR B 85 -12.06 -4.73 -11.01
CA THR B 85 -12.54 -5.95 -10.39
C THR B 85 -12.16 -5.94 -8.91
N TYR B 86 -13.07 -6.41 -8.06
CA TYR B 86 -12.95 -6.28 -6.63
C TYR B 86 -13.04 -7.64 -5.96
N TYR B 87 -12.18 -7.88 -4.97
CA TYR B 87 -12.10 -9.14 -4.27
C TYR B 87 -12.16 -8.94 -2.77
N CYS B 88 -12.89 -9.82 -2.08
CA CYS B 88 -12.86 -9.89 -0.63
C CYS B 88 -11.96 -11.06 -0.23
N GLN B 89 -11.26 -10.90 0.89
CA GLN B 89 -10.29 -11.90 1.33
C GLN B 89 -10.47 -12.16 2.81
N GLN B 90 -10.45 -13.43 3.18
CA GLN B 90 -10.63 -13.85 4.56
C GLN B 90 -9.50 -14.77 4.99
N SER B 91 -8.95 -14.52 6.17
CA SER B 91 -7.91 -15.34 6.76
C SER B 91 -8.49 -15.95 8.02
N SER B 92 -8.30 -17.25 8.24
CA SER B 92 -9.02 -17.91 9.32
C SER B 92 -8.10 -18.50 10.39
N TYR B 93 -7.33 -19.53 10.09
CA TYR B 93 -6.35 -20.02 11.05
C TYR B 93 -5.06 -20.33 10.33
N SER B 94 -5.23 -20.97 9.18
CA SER B 94 -4.19 -21.34 8.23
C SER B 94 -4.57 -21.07 6.81
N LEU B 95 -5.86 -20.84 6.53
CA LEU B 95 -6.39 -20.80 5.19
C LEU B 95 -6.80 -19.38 4.83
N ILE B 96 -6.55 -19.03 3.57
CA ILE B 96 -6.85 -17.72 3.04
C ILE B 96 -7.65 -17.93 1.77
N THR B 97 -8.87 -17.38 1.74
CA THR B 97 -9.75 -17.53 0.59
C THR B 97 -10.17 -16.17 0.08
N PHE B 98 -10.38 -16.09 -1.22
CA PHE B 98 -10.85 -14.88 -1.89
C PHE B 98 -12.25 -15.12 -2.41
N GLY B 99 -12.99 -14.04 -2.59
CA GLY B 99 -14.28 -14.15 -3.22
C GLY B 99 -14.12 -14.44 -4.69
N GLN B 100 -15.24 -14.76 -5.33
CA GLN B 100 -15.17 -15.10 -6.75
C GLN B 100 -14.92 -13.87 -7.61
N GLY B 101 -14.94 -12.68 -7.02
CA GLY B 101 -14.57 -11.46 -7.71
C GLY B 101 -15.77 -10.72 -8.26
N THR B 102 -15.75 -9.40 -8.16
CA THR B 102 -16.84 -8.56 -8.67
C THR B 102 -16.28 -7.57 -9.68
N LYS B 103 -16.83 -7.57 -10.88
CA LYS B 103 -16.44 -6.65 -11.93
C LYS B 103 -17.42 -5.48 -11.97
N VAL B 104 -16.93 -4.28 -11.72
CA VAL B 104 -17.73 -3.07 -11.82
C VAL B 104 -17.55 -2.47 -13.21
N GLU B 105 -18.65 -2.32 -13.94
CA GLU B 105 -18.66 -1.81 -15.30
C GLU B 105 -19.52 -0.56 -15.38
N ILE B 106 -19.30 0.24 -16.43
CA ILE B 106 -19.97 1.53 -16.59
C ILE B 106 -21.32 1.36 -17.27
N LYS B 107 -22.36 1.95 -16.67
CA LYS B 107 -23.63 2.15 -17.37
C LYS B 107 -23.48 3.34 -18.31
N ARG B 108 -23.82 3.14 -19.59
CA ARG B 108 -23.71 4.21 -20.58
C ARG B 108 -24.92 4.15 -21.49
N THR B 109 -25.18 5.24 -22.20
CA THR B 109 -26.30 5.27 -23.13
C THR B 109 -26.08 4.24 -24.24
N VAL B 110 -27.18 3.58 -24.63
CA VAL B 110 -27.10 2.52 -25.63
C VAL B 110 -26.55 3.06 -26.95
N ALA B 111 -25.66 2.29 -27.55
CA ALA B 111 -25.13 2.60 -28.87
C ALA B 111 -25.11 1.31 -29.68
N ALA B 112 -25.74 1.33 -30.83
CA ALA B 112 -25.78 0.05 -31.55
C ALA B 112 -24.53 -0.12 -32.40
N PRO B 113 -24.10 -1.35 -32.64
CA PRO B 113 -22.81 -1.57 -33.28
C PRO B 113 -22.83 -1.29 -34.78
N SER B 114 -21.67 -0.87 -35.28
CA SER B 114 -21.36 -1.09 -36.68
C SER B 114 -21.11 -2.58 -36.89
N VAL B 115 -21.80 -3.18 -37.86
CA VAL B 115 -21.69 -4.60 -38.13
C VAL B 115 -20.93 -4.81 -39.43
N PHE B 116 -19.87 -5.61 -39.38
CA PHE B 116 -19.09 -5.95 -40.55
C PHE B 116 -18.98 -7.46 -40.67
N ILE B 117 -19.00 -7.95 -41.90
CA ILE B 117 -18.80 -9.36 -42.18
C ILE B 117 -17.60 -9.49 -43.11
N PHE B 118 -16.67 -10.37 -42.77
CA PHE B 118 -15.43 -10.58 -43.52
C PHE B 118 -15.43 -11.97 -44.11
N PRO B 119 -15.43 -12.13 -45.44
CA PRO B 119 -15.33 -13.47 -46.00
C PRO B 119 -13.94 -14.02 -45.77
N PRO B 120 -13.77 -15.34 -45.71
CA PRO B 120 -12.43 -15.90 -45.47
C PRO B 120 -11.48 -15.54 -46.61
N SER B 121 -10.24 -15.25 -46.25
CA SER B 121 -9.25 -14.93 -47.25
C SER B 121 -8.95 -16.16 -48.10
N ASP B 122 -8.61 -15.92 -49.37
CA ASP B 122 -8.33 -17.03 -50.27
C ASP B 122 -7.14 -17.84 -49.78
N GLU B 123 -6.22 -17.19 -49.07
CA GLU B 123 -5.05 -17.88 -48.52
C GLU B 123 -5.48 -19.00 -47.58
N GLN B 124 -6.40 -18.69 -46.67
CA GLN B 124 -6.85 -19.68 -45.69
C GLN B 124 -7.70 -20.76 -46.33
N LEU B 125 -8.41 -20.45 -47.42
CA LEU B 125 -9.22 -21.46 -48.10
C LEU B 125 -8.37 -22.59 -48.65
N LYS B 126 -7.12 -22.29 -49.06
CA LYS B 126 -6.21 -23.34 -49.46
C LYS B 126 -5.84 -24.27 -48.31
N SER B 127 -6.09 -23.87 -47.07
CA SER B 127 -5.76 -24.68 -45.91
C SER B 127 -6.88 -25.62 -45.50
N GLY B 128 -8.02 -25.58 -46.20
CA GLY B 128 -9.11 -26.49 -45.92
C GLY B 128 -10.05 -26.06 -44.82
N THR B 129 -9.73 -25.01 -44.08
CA THR B 129 -10.63 -24.45 -43.08
C THR B 129 -10.96 -23.01 -43.47
N ALA B 130 -12.20 -22.61 -43.25
CA ALA B 130 -12.65 -21.27 -43.63
C ALA B 130 -13.24 -20.56 -42.43
N SER B 131 -12.61 -19.49 -41.99
CA SER B 131 -13.11 -18.69 -40.88
C SER B 131 -13.84 -17.49 -41.44
N VAL B 132 -15.12 -17.39 -41.14
CA VAL B 132 -15.93 -16.24 -41.52
C VAL B 132 -16.11 -15.40 -40.27
N VAL B 133 -15.87 -14.09 -40.38
CA VAL B 133 -15.73 -13.22 -39.22
C VAL B 133 -16.82 -12.16 -39.28
N CYS B 134 -17.49 -11.96 -38.14
CA CYS B 134 -18.48 -10.90 -37.96
C CYS B 134 -18.01 -9.96 -36.86
N LEU B 135 -18.00 -8.66 -37.14
CA LEU B 135 -17.51 -7.68 -36.18
C LEU B 135 -18.63 -6.74 -35.78
N LEU B 136 -18.79 -6.56 -34.48
CA LEU B 136 -19.76 -5.63 -33.88
C LEU B 136 -18.94 -4.59 -33.13
N ASN B 137 -18.74 -3.43 -33.73
CA ASN B 137 -17.74 -2.50 -33.23
C ASN B 137 -18.37 -1.36 -32.45
N ASN B 138 -17.90 -1.16 -31.21
CA ASN B 138 -18.20 -0.01 -30.37
C ASN B 138 -19.71 0.11 -30.08
N PHE B 139 -20.21 -0.87 -29.33
CA PHE B 139 -21.62 -0.93 -28.98
C PHE B 139 -21.81 -1.07 -27.47
N TYR B 140 -23.06 -0.83 -27.03
CA TYR B 140 -23.53 -0.98 -25.66
C TYR B 140 -25.03 -1.21 -25.71
N PRO B 141 -25.59 -2.10 -24.86
CA PRO B 141 -24.84 -2.89 -23.88
C PRO B 141 -24.21 -4.12 -24.52
N ARG B 142 -23.41 -4.85 -23.74
CA ARG B 142 -22.71 -6.00 -24.32
C ARG B 142 -23.69 -7.10 -24.72
N GLU B 143 -24.85 -7.16 -24.08
CA GLU B 143 -25.79 -8.25 -24.34
C GLU B 143 -26.31 -8.10 -25.75
N ALA B 144 -25.96 -9.05 -26.62
CA ALA B 144 -26.34 -8.99 -28.02
C ALA B 144 -26.40 -10.39 -28.57
N LYS B 145 -27.29 -10.60 -29.55
CA LYS B 145 -27.48 -11.89 -30.19
C LYS B 145 -26.85 -11.84 -31.58
N VAL B 146 -25.99 -12.81 -31.86
CA VAL B 146 -25.31 -12.90 -33.16
C VAL B 146 -25.60 -14.28 -33.73
N SER B 147 -26.23 -14.31 -34.90
CA SER B 147 -26.73 -15.54 -35.49
C SER B 147 -26.16 -15.72 -36.89
N TRP B 148 -25.79 -16.95 -37.21
CA TRP B 148 -25.18 -17.26 -38.48
C TRP B 148 -26.17 -17.98 -39.39
N TYR B 149 -26.24 -17.52 -40.64
CA TYR B 149 -27.12 -18.10 -41.65
C TYR B 149 -26.29 -18.42 -42.87
N VAL B 150 -26.19 -19.70 -43.21
CA VAL B 150 -25.47 -20.17 -44.39
C VAL B 150 -26.53 -20.66 -45.36
N ASP B 151 -26.71 -19.94 -46.46
CA ASP B 151 -27.79 -20.20 -47.40
C ASP B 151 -29.13 -20.28 -46.68
N ASN B 152 -29.35 -19.31 -45.79
CA ASN B 152 -30.59 -19.11 -45.04
C ASN B 152 -30.87 -20.21 -44.03
N ALA B 153 -29.90 -21.11 -43.79
CA ALA B 153 -30.06 -22.20 -42.83
C ALA B 153 -29.30 -21.82 -41.56
N LEU B 154 -30.00 -21.81 -40.43
CA LEU B 154 -29.40 -21.36 -39.18
C LEU B 154 -28.26 -22.28 -38.76
N GLN B 155 -27.11 -21.67 -38.48
CA GLN B 155 -25.95 -22.40 -37.97
C GLN B 155 -25.99 -22.48 -36.45
N SER B 156 -25.61 -23.65 -35.92
CA SER B 156 -25.52 -23.85 -34.49
C SER B 156 -24.26 -24.63 -34.17
N GLY B 157 -23.52 -24.15 -33.17
CA GLY B 157 -22.38 -24.89 -32.65
C GLY B 157 -21.11 -24.85 -33.45
N ASN B 158 -21.01 -23.97 -34.46
CA ASN B 158 -19.79 -23.84 -35.25
C ASN B 158 -19.27 -22.41 -35.27
N SER B 159 -19.52 -21.66 -34.21
CA SER B 159 -19.06 -20.28 -34.12
C SER B 159 -18.58 -20.00 -32.70
N GLN B 160 -17.71 -19.00 -32.59
CA GLN B 160 -17.21 -18.55 -31.28
C GLN B 160 -17.18 -17.03 -31.26
N GLU B 161 -17.43 -16.48 -30.08
CA GLU B 161 -17.44 -15.04 -29.87
C GLU B 161 -16.26 -14.62 -29.01
N SER B 162 -15.92 -13.34 -29.11
CA SER B 162 -14.85 -12.74 -28.31
C SER B 162 -15.19 -11.26 -28.14
N VAL B 163 -15.04 -10.77 -26.92
CA VAL B 163 -15.51 -9.43 -26.57
C VAL B 163 -14.36 -8.67 -25.90
N THR B 164 -14.15 -7.43 -26.33
CA THR B 164 -13.18 -6.56 -25.66
C THR B 164 -13.71 -6.16 -24.29
N GLU B 165 -12.90 -5.43 -23.54
CA GLU B 165 -13.41 -4.78 -22.35
C GLU B 165 -13.81 -3.35 -22.70
N GLN B 166 -14.40 -2.66 -21.73
CA GLN B 166 -14.94 -1.33 -22.01
C GLN B 166 -13.85 -0.36 -22.47
N ASP B 167 -14.12 0.33 -23.57
CA ASP B 167 -13.16 1.26 -24.14
C ASP B 167 -13.00 2.47 -23.22
N SER B 168 -11.76 2.89 -22.99
CA SER B 168 -11.51 3.95 -22.04
C SER B 168 -12.15 5.27 -22.46
N LYS B 169 -12.45 5.44 -23.74
CA LYS B 169 -13.11 6.64 -24.24
C LYS B 169 -14.61 6.41 -24.46
N ASP B 170 -14.98 5.43 -25.28
CA ASP B 170 -16.39 5.27 -25.61
C ASP B 170 -17.16 4.49 -24.56
N SER B 171 -16.46 3.83 -23.64
CA SER B 171 -17.10 2.96 -22.65
C SER B 171 -18.00 1.94 -23.32
N THR B 172 -17.72 1.63 -24.59
CA THR B 172 -18.47 0.65 -25.35
C THR B 172 -17.71 -0.67 -25.38
N TYR B 173 -18.28 -1.63 -26.11
CA TYR B 173 -17.63 -2.91 -26.34
C TYR B 173 -17.49 -3.13 -27.83
N SER B 174 -16.63 -4.08 -28.18
CA SER B 174 -16.59 -4.62 -29.52
C SER B 174 -16.64 -6.13 -29.43
N LEU B 175 -17.28 -6.75 -30.41
CA LEU B 175 -17.50 -8.19 -30.41
C LEU B 175 -17.12 -8.76 -31.76
N SER B 176 -16.60 -9.98 -31.73
CA SER B 176 -16.37 -10.76 -32.93
C SER B 176 -17.12 -12.07 -32.77
N SER B 177 -17.64 -12.58 -33.88
CA SER B 177 -18.19 -13.93 -33.90
C SER B 177 -17.58 -14.61 -35.12
N THR B 178 -16.75 -15.61 -34.87
CA THR B 178 -16.00 -16.26 -35.92
C THR B 178 -16.67 -17.60 -36.25
N LEU B 179 -17.08 -17.77 -37.50
CA LEU B 179 -17.74 -18.97 -37.95
C LEU B 179 -16.72 -19.86 -38.64
N THR B 180 -16.47 -21.03 -38.07
CA THR B 180 -15.42 -21.92 -38.55
C THR B 180 -16.08 -23.09 -39.25
N LEU B 181 -15.81 -23.24 -40.54
CA LEU B 181 -16.35 -24.34 -41.31
C LEU B 181 -15.33 -24.76 -42.37
N SER B 182 -15.38 -26.04 -42.75
CA SER B 182 -14.42 -26.61 -43.68
C SER B 182 -14.56 -26.05 -45.09
N LYS B 183 -13.45 -26.09 -45.84
CA LYS B 183 -13.44 -25.64 -47.22
C LYS B 183 -14.54 -26.32 -48.03
N ALA B 184 -14.65 -27.65 -47.92
CA ALA B 184 -15.66 -28.38 -48.66
C ALA B 184 -17.05 -27.86 -48.33
N ASP B 185 -17.33 -27.60 -47.06
CA ASP B 185 -18.61 -27.03 -46.68
C ASP B 185 -18.73 -25.59 -47.18
N TYR B 186 -17.65 -24.82 -47.13
CA TYR B 186 -17.70 -23.43 -47.59
C TYR B 186 -17.97 -23.35 -49.09
N GLU B 187 -17.34 -24.21 -49.87
CA GLU B 187 -17.44 -24.13 -51.33
C GLU B 187 -18.76 -24.63 -51.89
N LYS B 188 -19.62 -25.23 -51.08
CA LYS B 188 -20.92 -25.70 -51.54
C LYS B 188 -22.07 -24.82 -51.04
N HIS B 189 -21.79 -23.57 -50.66
CA HIS B 189 -22.81 -22.63 -50.24
C HIS B 189 -22.52 -21.25 -50.83
N LYS B 190 -23.57 -20.43 -50.91
CA LYS B 190 -23.49 -19.15 -51.62
C LYS B 190 -23.55 -17.95 -50.68
N VAL B 191 -24.61 -17.80 -49.88
CA VAL B 191 -24.81 -16.58 -49.10
C VAL B 191 -24.46 -16.86 -47.65
N TYR B 192 -23.55 -16.08 -47.11
CA TYR B 192 -23.18 -16.13 -45.71
C TYR B 192 -23.68 -14.85 -45.07
N ALA B 193 -24.46 -14.98 -44.00
CA ALA B 193 -25.12 -13.84 -43.40
C ALA B 193 -24.84 -13.80 -41.91
N CYS B 194 -24.51 -12.63 -41.41
CA CYS B 194 -24.35 -12.38 -39.99
C CYS B 194 -25.46 -11.44 -39.55
N GLU B 195 -26.28 -11.90 -38.60
CA GLU B 195 -27.43 -11.13 -38.12
C GLU B 195 -27.19 -10.76 -36.67
N VAL B 196 -27.00 -9.47 -36.42
CA VAL B 196 -26.82 -8.95 -35.08
C VAL B 196 -28.17 -8.42 -34.61
N THR B 197 -28.62 -8.94 -33.47
CA THR B 197 -29.86 -8.49 -32.85
C THR B 197 -29.53 -7.85 -31.52
N GLN B 198 -30.14 -6.70 -31.26
CA GLN B 198 -29.90 -5.97 -30.02
C GLN B 198 -31.20 -5.25 -29.68
N GLY B 199 -31.90 -5.78 -28.69
CA GLY B 199 -33.20 -5.25 -28.32
C GLY B 199 -34.26 -5.46 -29.38
N THR B 200 -34.81 -4.38 -29.91
CA THR B 200 -35.87 -4.46 -30.90
C THR B 200 -35.36 -4.55 -32.34
N THR B 201 -34.05 -4.57 -32.54
CA THR B 201 -33.47 -4.34 -33.86
C THR B 201 -32.56 -5.48 -34.25
N SER B 202 -32.83 -6.05 -35.43
CA SER B 202 -31.92 -7.00 -36.07
C SER B 202 -31.29 -6.32 -37.27
N VAL B 203 -29.97 -6.47 -37.40
CA VAL B 203 -29.22 -5.92 -38.52
C VAL B 203 -28.39 -7.05 -39.11
N THR B 204 -28.67 -7.41 -40.36
CA THR B 204 -28.04 -8.55 -41.00
C THR B 204 -27.11 -8.07 -42.10
N LYS B 205 -25.80 -8.28 -41.91
CA LYS B 205 -24.81 -8.05 -42.94
C LYS B 205 -24.43 -9.38 -43.56
N SER B 206 -24.17 -9.38 -44.86
CA SER B 206 -23.97 -10.64 -45.57
C SER B 206 -23.13 -10.40 -46.82
N PHE B 207 -22.62 -11.48 -47.38
CA PHE B 207 -21.89 -11.44 -48.64
C PHE B 207 -22.25 -12.63 -49.51
N ASN B 208 -22.10 -12.44 -50.82
CA ASN B 208 -22.27 -13.51 -51.80
C ASN B 208 -20.90 -13.99 -52.25
N ARG B 209 -20.63 -15.27 -52.02
CA ARG B 209 -19.39 -15.91 -52.46
C ARG B 209 -19.15 -15.61 -53.95
N GLY B 210 -18.11 -14.83 -54.26
CA GLY B 210 -17.74 -14.49 -55.62
C GLY B 210 -17.86 -13.00 -55.94
N GLU B 211 -18.79 -12.30 -55.30
CA GLU B 211 -19.02 -10.89 -55.60
C GLU B 211 -17.93 -10.01 -55.00
N CYS B 212 -17.11 -9.41 -55.87
CA CYS B 212 -16.01 -8.56 -55.44
C CYS B 212 -16.27 -7.11 -55.89
N GLY C 8 -5.36 18.68 14.02
CA GLY C 8 -5.60 20.11 13.91
C GLY C 8 -4.61 20.84 13.04
N GLY C 9 -3.68 20.09 12.44
CA GLY C 9 -2.64 20.68 11.64
C GLY C 9 -3.10 21.14 10.26
N GLY C 10 -2.20 21.88 9.62
CA GLY C 10 -2.48 22.44 8.31
C GLY C 10 -1.44 23.50 7.96
N LEU C 11 -1.82 24.39 7.06
CA LEU C 11 -1.00 25.54 6.72
C LEU C 11 -1.40 26.73 7.57
N VAL C 12 -0.42 27.55 7.94
CA VAL C 12 -0.68 28.78 8.70
C VAL C 12 0.39 29.80 8.36
N GLN C 13 -0.02 31.02 8.07
CA GLN C 13 0.87 32.12 7.71
C GLN C 13 1.49 32.76 8.94
N PRO C 14 2.67 33.39 8.79
CA PRO C 14 3.43 33.86 9.96
C PRO C 14 2.65 34.85 10.81
N GLY C 15 2.69 34.64 12.12
CA GLY C 15 1.94 35.44 13.07
C GLY C 15 0.57 34.90 13.40
N GLY C 16 0.06 33.96 12.62
CA GLY C 16 -1.26 33.40 12.83
C GLY C 16 -1.31 32.41 13.99
N SER C 17 -2.42 31.68 14.05
CA SER C 17 -2.73 30.84 15.18
C SER C 17 -3.07 29.42 14.72
N LEU C 18 -2.68 28.44 15.53
CA LEU C 18 -3.01 27.05 15.30
C LEU C 18 -2.99 26.35 16.66
N ARG C 19 -3.97 25.49 16.90
CA ARG C 19 -4.06 24.73 18.15
C ARG C 19 -4.05 23.23 17.86
N LEU C 20 -3.09 22.52 18.45
CA LEU C 20 -2.98 21.07 18.31
C LEU C 20 -3.57 20.36 19.52
N SER C 21 -4.12 19.17 19.28
CA SER C 21 -4.75 18.35 20.31
C SER C 21 -4.12 16.97 20.37
N CYS C 22 -4.12 16.38 21.56
CA CYS C 22 -3.64 15.01 21.75
C CYS C 22 -4.36 14.40 22.95
N ALA C 23 -5.19 13.39 22.71
CA ALA C 23 -6.00 12.80 23.77
C ALA C 23 -5.40 11.48 24.25
N ALA C 24 -5.13 11.39 25.56
CA ALA C 24 -4.50 10.22 26.15
C ALA C 24 -4.93 10.09 27.61
N SER C 25 -5.50 8.94 27.98
CA SER C 25 -5.93 8.68 29.35
C SER C 25 -4.76 8.88 30.31
N GLY C 26 -5.03 9.54 31.45
CA GLY C 26 -3.99 9.74 32.44
C GLY C 26 -3.99 11.07 33.14
N PHE C 27 -5.01 11.91 32.88
CA PHE C 27 -5.11 13.17 33.62
C PHE C 27 -5.40 12.93 35.09
N ASN C 28 -5.74 11.70 35.47
CA ASN C 28 -5.89 11.29 36.86
C ASN C 28 -4.59 10.75 37.45
N LEU C 29 -3.56 10.58 36.64
CA LEU C 29 -2.26 10.09 37.09
C LEU C 29 -1.36 11.27 37.44
N ARG C 30 -0.71 11.21 38.60
CA ARG C 30 0.19 12.27 39.02
C ARG C 30 1.55 12.20 38.33
N SER C 31 1.84 11.10 37.64
CA SER C 31 3.12 10.87 36.97
C SER C 31 2.96 10.78 35.47
N TYR C 32 2.18 11.68 34.87
CA TYR C 32 1.81 11.60 33.44
C TYR C 32 2.12 12.94 32.78
N TYR C 33 3.38 13.11 32.37
CA TYR C 33 3.78 14.25 31.56
C TYR C 33 3.50 14.03 30.08
N MET C 34 3.06 15.08 29.41
CA MET C 34 2.93 15.08 27.96
C MET C 34 3.85 16.15 27.40
N HIS C 35 4.61 15.78 26.37
CA HIS C 35 5.55 16.68 25.73
C HIS C 35 5.18 16.80 24.26
N TRP C 36 5.38 17.99 23.71
CA TRP C 36 5.35 18.20 22.28
C TRP C 36 6.80 18.24 21.80
N VAL C 37 7.12 17.40 20.84
CA VAL C 37 8.44 17.37 20.21
C VAL C 37 8.21 17.55 18.72
N ARG C 38 9.04 18.40 18.11
CA ARG C 38 8.90 18.69 16.70
C ARG C 38 10.16 18.23 15.97
N GLN C 39 9.96 17.81 14.72
CA GLN C 39 11.04 17.33 13.87
C GLN C 39 10.96 18.14 12.58
N ALA C 40 11.86 19.12 12.46
CA ALA C 40 11.92 19.92 11.25
C ALA C 40 12.31 19.02 10.07
N PRO C 41 11.80 19.31 8.88
CA PRO C 41 12.07 18.41 7.74
C PRO C 41 13.56 18.23 7.51
N GLY C 42 14.00 16.98 7.56
CA GLY C 42 15.41 16.67 7.41
C GLY C 42 16.29 17.01 8.59
N LYS C 43 15.69 17.27 9.75
CA LYS C 43 16.43 17.64 10.96
C LYS C 43 16.14 16.63 12.07
N GLY C 44 16.70 16.90 13.25
CA GLY C 44 16.57 16.03 14.39
C GLY C 44 15.32 16.30 15.18
N LEU C 45 15.29 15.77 16.41
CA LEU C 45 14.17 16.00 17.32
C LEU C 45 14.48 17.19 18.23
N GLU C 46 13.45 17.99 18.50
CA GLU C 46 13.60 19.22 19.27
C GLU C 46 12.45 19.35 20.26
N TRP C 47 12.79 19.50 21.53
CA TRP C 47 11.77 19.71 22.56
C TRP C 47 11.13 21.07 22.40
N VAL C 48 9.83 21.15 22.69
CA VAL C 48 9.04 22.36 22.52
C VAL C 48 8.40 22.80 23.85
N ALA C 49 7.64 21.90 24.48
CA ALA C 49 6.99 22.23 25.75
C ALA C 49 6.55 20.94 26.43
N SER C 50 6.18 21.07 27.71
CA SER C 50 5.70 19.95 28.50
C SER C 50 4.73 20.46 29.55
N ILE C 51 3.83 19.59 30.00
CA ILE C 51 2.89 19.91 31.07
C ILE C 51 2.62 18.69 31.93
N SER C 52 2.50 18.91 33.25
CA SER C 52 2.05 17.89 34.18
C SER C 52 0.58 18.21 34.47
N PRO C 53 -0.36 17.59 33.74
CA PRO C 53 -1.77 17.98 33.90
C PRO C 53 -2.35 17.73 35.28
N TYR C 54 -1.79 16.82 36.08
CA TYR C 54 -2.27 16.70 37.45
C TYR C 54 -1.79 17.85 38.34
N TYR C 55 -0.63 18.44 38.02
CA TYR C 55 -0.11 19.56 38.79
C TYR C 55 -0.12 20.87 38.03
N SER C 56 -0.52 20.86 36.75
CA SER C 56 -0.57 22.06 35.92
C SER C 56 0.75 22.84 35.96
N TYR C 57 1.84 22.10 35.96
CA TYR C 57 3.20 22.64 35.94
C TYR C 57 3.67 22.62 34.49
N THR C 58 3.74 23.80 33.87
CA THR C 58 4.18 23.91 32.48
C THR C 58 5.63 24.40 32.38
N TYR C 59 6.38 23.82 31.46
CA TYR C 59 7.72 24.30 31.13
C TYR C 59 7.92 24.23 29.62
N TYR C 60 8.48 25.30 29.05
CA TYR C 60 8.65 25.49 27.63
C TYR C 60 10.13 25.65 27.29
N ALA C 61 10.44 25.57 26.00
CA ALA C 61 11.79 25.74 25.50
C ALA C 61 12.07 27.21 25.19
N ASP C 62 13.34 27.61 25.39
CA ASP C 62 13.72 29.02 25.27
C ASP C 62 13.37 29.65 23.93
N SER C 63 13.29 28.86 22.86
CA SER C 63 13.04 29.45 21.55
C SER C 63 11.57 29.64 21.24
N VAL C 64 10.68 29.22 22.12
CA VAL C 64 9.24 29.32 21.93
C VAL C 64 8.57 30.04 23.08
N LYS C 65 9.30 30.35 24.15
CA LYS C 65 8.72 31.02 25.30
C LYS C 65 8.05 32.31 24.85
N GLY C 66 6.88 32.58 25.40
CA GLY C 66 6.09 33.75 25.03
C GLY C 66 5.17 33.51 23.86
N ARG C 67 5.66 32.81 22.84
CA ARG C 67 4.89 32.61 21.62
C ARG C 67 3.98 31.39 21.65
N PHE C 68 4.37 30.31 22.33
CA PHE C 68 3.50 29.15 22.45
C PHE C 68 2.89 29.09 23.85
N THR C 69 1.75 28.39 23.94
CA THR C 69 1.09 28.15 25.21
C THR C 69 0.61 26.71 25.24
N ILE C 70 1.09 25.96 26.23
CA ILE C 70 0.70 24.57 26.44
C ILE C 70 -0.37 24.53 27.53
N SER C 71 -1.28 23.58 27.42
CA SER C 71 -2.45 23.53 28.28
C SER C 71 -2.98 22.11 28.33
N ALA C 72 -3.90 21.88 29.27
CA ALA C 72 -4.56 20.60 29.42
C ALA C 72 -5.98 20.87 29.90
N ASP C 73 -6.93 20.09 29.37
CA ASP C 73 -8.31 20.14 29.81
C ASP C 73 -8.58 18.88 30.63
N THR C 74 -8.72 19.05 31.95
CA THR C 74 -8.99 17.93 32.83
C THR C 74 -10.24 17.16 32.38
N SER C 75 -11.32 17.88 32.08
CA SER C 75 -12.59 17.24 31.76
C SER C 75 -12.53 16.46 30.44
N LYS C 76 -12.03 17.08 29.37
CA LYS C 76 -12.03 16.41 28.06
C LYS C 76 -10.89 15.42 27.89
N ASN C 77 -9.96 15.36 28.82
CA ASN C 77 -8.79 14.47 28.73
C ASN C 77 -8.05 14.64 27.39
N THR C 78 -7.74 15.89 27.06
CA THR C 78 -7.04 16.25 25.83
C THR C 78 -5.98 17.29 26.16
N ALA C 79 -4.86 17.26 25.42
CA ALA C 79 -3.78 18.21 25.60
C ALA C 79 -3.70 19.16 24.43
N TYR C 80 -3.51 20.45 24.73
CA TYR C 80 -3.54 21.50 23.72
C TYR C 80 -2.21 22.26 23.68
N LEU C 81 -1.76 22.57 22.47
CA LEU C 81 -0.66 23.50 22.25
C LEU C 81 -1.17 24.61 21.35
N GLN C 82 -1.29 25.82 21.89
CA GLN C 82 -1.66 26.99 21.14
C GLN C 82 -0.39 27.68 20.63
N MET C 83 -0.29 27.85 19.31
CA MET C 83 0.87 28.49 18.69
C MET C 83 0.45 29.82 18.06
N ASN C 84 0.96 30.91 18.59
CA ASN C 84 0.76 32.23 18.02
C ASN C 84 2.10 32.85 17.68
N SER C 85 2.06 33.89 16.84
CA SER C 85 3.26 34.58 16.39
C SER C 85 4.25 33.61 15.75
N LEU C 86 3.70 32.69 14.96
CA LEU C 86 4.50 31.62 14.36
C LEU C 86 5.56 32.17 13.42
N ARG C 87 6.68 31.46 13.35
CA ARG C 87 7.81 31.81 12.49
C ARG C 87 8.04 30.73 11.45
N ALA C 88 8.80 31.09 10.41
CA ALA C 88 9.11 30.12 9.36
C ALA C 88 9.85 28.91 9.90
N GLU C 89 10.70 29.11 10.92
CA GLU C 89 11.44 28.01 11.51
C GLU C 89 10.55 27.02 12.23
N ASP C 90 9.33 27.42 12.58
CA ASP C 90 8.39 26.52 13.25
C ASP C 90 7.83 25.45 12.31
N THR C 91 8.14 25.53 11.02
CA THR C 91 7.77 24.47 10.08
C THR C 91 8.39 23.15 10.53
N ALA C 92 7.55 22.18 10.90
CA ALA C 92 8.02 20.90 11.40
C ALA C 92 6.83 19.96 11.54
N VAL C 93 7.14 18.69 11.82
CA VAL C 93 6.15 17.71 12.23
C VAL C 93 6.10 17.71 13.74
N TYR C 94 4.89 17.79 14.31
CA TYR C 94 4.71 17.95 15.74
C TYR C 94 4.18 16.65 16.34
N TYR C 95 4.88 16.15 17.36
CA TYR C 95 4.57 14.88 18.01
C TYR C 95 4.01 15.10 19.41
N CYS C 96 3.28 14.09 19.88
CA CYS C 96 2.82 13.98 21.25
C CYS C 96 3.59 12.89 21.97
N ALA C 97 3.76 13.06 23.28
CA ALA C 97 4.57 12.15 24.07
C ALA C 97 3.65 11.37 25.01
N ARG C 98 4.29 10.65 25.95
CA ARG C 98 3.50 9.84 26.92
C ARG C 98 4.25 9.72 28.25
N HIS C 99 3.58 9.99 29.36
CA HIS C 99 4.17 9.84 30.71
C HIS C 99 5.61 10.36 30.74
N GLY C 100 6.54 9.42 30.80
CA GLY C 100 7.97 9.74 30.89
C GLY C 100 8.34 11.20 31.00
N TYR C 101 8.67 11.64 32.20
CA TYR C 101 9.23 13.00 32.31
C TYR C 101 10.55 12.96 31.53
N GLY C 102 11.09 11.75 31.38
CA GLY C 102 12.45 11.51 30.87
C GLY C 102 12.49 10.53 29.71
N ALA C 103 11.39 9.81 29.45
CA ALA C 103 11.36 8.79 28.39
C ALA C 103 9.92 8.51 27.97
N MET C 104 9.56 8.78 26.72
CA MET C 104 8.14 8.66 26.31
C MET C 104 7.98 7.41 25.43
N ASP C 105 7.14 6.45 25.85
CA ASP C 105 7.02 5.20 25.12
C ASP C 105 6.09 5.37 23.93
N TYR C 106 5.05 6.17 24.07
CA TYR C 106 4.05 6.35 23.02
C TYR C 106 4.20 7.72 22.39
N TRP C 107 4.36 7.72 21.07
CA TRP C 107 4.45 8.93 20.27
C TRP C 107 3.25 8.95 19.33
N GLY C 108 2.69 10.14 19.11
CA GLY C 108 1.56 10.26 18.20
C GLY C 108 1.87 9.88 16.77
N GLN C 109 0.87 9.92 15.89
CA GLN C 109 1.17 9.72 14.48
C GLN C 109 1.82 10.95 13.89
N GLY C 110 1.75 12.07 14.58
CA GLY C 110 2.39 13.30 14.14
C GLY C 110 1.46 14.16 13.31
N THR C 111 1.66 15.46 13.43
CA THR C 111 0.91 16.44 12.66
C THR C 111 1.89 17.45 12.09
N LEU C 112 1.67 17.83 10.84
CA LEU C 112 2.61 18.66 10.10
C LEU C 112 2.13 20.10 10.12
N VAL C 113 2.98 20.99 10.63
CA VAL C 113 2.73 22.43 10.58
C VAL C 113 3.73 23.03 9.61
N THR C 114 3.21 23.67 8.55
CA THR C 114 4.02 24.37 7.56
C THR C 114 3.67 25.85 7.62
N VAL C 115 4.67 26.70 7.78
CA VAL C 115 4.47 28.14 7.82
C VAL C 115 4.84 28.71 6.47
N PHE C 116 3.83 29.15 5.72
CA PHE C 116 3.99 29.70 4.38
C PHE C 116 3.65 31.18 4.40
N ASN C 117 4.47 31.96 3.71
CA ASN C 117 4.14 33.36 3.45
C ASN C 117 3.27 33.49 2.21
N GLN C 118 3.52 32.64 1.20
CA GLN C 118 2.83 32.71 -0.07
C GLN C 118 3.07 31.40 -0.82
N ILE C 119 2.01 30.83 -1.38
CA ILE C 119 2.06 29.52 -2.03
C ILE C 119 2.27 29.69 -3.52
N GLN C 120 3.32 29.05 -4.05
CA GLN C 120 3.63 29.06 -5.47
C GLN C 120 3.76 27.64 -6.00
N GLY C 121 3.10 27.37 -7.13
CA GLY C 121 3.20 26.10 -7.79
C GLY C 121 4.54 25.93 -8.49
N PRO C 122 4.90 24.69 -8.80
CA PRO C 122 6.23 24.42 -9.36
C PRO C 122 6.27 24.52 -10.88
N SER C 123 7.49 24.73 -11.38
CA SER C 123 7.80 24.66 -12.80
C SER C 123 8.65 23.43 -13.03
N VAL C 124 8.31 22.65 -14.06
CA VAL C 124 8.90 21.34 -14.31
C VAL C 124 9.53 21.33 -15.69
N PHE C 125 10.83 21.04 -15.75
CA PHE C 125 11.64 21.03 -16.96
C PHE C 125 12.24 19.65 -17.21
N PRO C 126 12.47 19.28 -18.47
CA PRO C 126 13.00 17.95 -18.77
C PRO C 126 14.51 17.85 -18.58
N LEU C 127 14.94 16.76 -17.94
CA LEU C 127 16.35 16.37 -17.92
C LEU C 127 16.52 15.31 -19.00
N ALA C 128 16.68 15.79 -20.24
CA ALA C 128 16.61 14.89 -21.38
C ALA C 128 17.87 14.03 -21.50
N PRO C 129 17.72 12.79 -21.96
CA PRO C 129 18.89 11.95 -22.23
C PRO C 129 19.43 12.23 -23.62
N SER C 130 20.58 11.61 -23.92
CA SER C 130 21.20 11.75 -25.23
C SER C 130 20.80 10.55 -26.08
N SER C 131 20.40 10.84 -27.32
CA SER C 131 20.04 9.77 -28.26
C SER C 131 21.27 9.15 -28.90
N LYS C 132 22.45 9.72 -28.67
CA LYS C 132 23.71 9.15 -29.15
C LYS C 132 24.65 8.79 -28.01
N SER C 133 24.15 8.62 -26.79
CA SER C 133 24.98 8.27 -25.65
C SER C 133 24.32 7.19 -24.79
N THR C 134 25.14 6.31 -24.23
CA THR C 134 24.66 5.27 -23.34
C THR C 134 25.75 4.95 -22.30
N SER C 135 25.32 4.59 -21.10
CA SER C 135 26.27 4.20 -20.04
C SER C 135 26.61 2.72 -20.13
N GLY C 136 25.62 1.87 -19.83
CA GLY C 136 25.80 0.44 -19.78
C GLY C 136 24.69 -0.22 -20.57
N GLY C 137 24.32 0.37 -21.70
CA GLY C 137 23.00 0.13 -22.21
C GLY C 137 21.99 0.93 -21.44
N THR C 138 22.45 1.94 -20.70
CA THR C 138 21.61 2.70 -19.78
C THR C 138 21.67 4.19 -20.10
N ALA C 139 20.53 4.86 -19.99
CA ALA C 139 20.39 6.31 -20.13
C ALA C 139 19.85 6.87 -18.82
N ALA C 140 19.79 8.19 -18.74
CA ALA C 140 19.38 8.86 -17.52
C ALA C 140 18.37 9.93 -17.87
N LEU C 141 17.22 9.88 -17.19
CA LEU C 141 16.13 10.80 -17.46
C LEU C 141 15.69 11.45 -16.16
N GLY C 142 15.06 12.61 -16.27
CA GLY C 142 14.59 13.25 -15.06
C GLY C 142 13.70 14.44 -15.33
N CYS C 143 13.20 15.02 -14.25
CA CYS C 143 12.42 16.25 -14.27
C CYS C 143 12.99 17.20 -13.22
N LEU C 144 13.03 18.48 -13.56
CA LEU C 144 13.49 19.50 -12.62
C LEU C 144 12.25 20.23 -12.10
N VAL C 145 11.78 19.81 -10.93
CA VAL C 145 10.69 20.52 -10.26
C VAL C 145 11.32 21.68 -9.50
N LYS C 146 11.11 22.89 -9.99
CA LYS C 146 11.82 24.06 -9.49
C LYS C 146 10.84 25.12 -9.03
N ASP C 147 11.26 25.91 -8.04
CA ASP C 147 10.60 27.15 -7.64
C ASP C 147 9.15 26.89 -7.20
N TYR C 148 9.02 26.16 -6.11
CA TYR C 148 7.73 25.88 -5.49
C TYR C 148 7.83 26.12 -3.99
N PHE C 149 6.67 26.44 -3.39
CA PHE C 149 6.59 26.67 -1.96
C PHE C 149 5.14 26.67 -1.48
N PRO C 150 4.86 26.09 -0.32
CA PRO C 150 5.85 25.34 0.46
C PRO C 150 5.95 23.91 -0.02
N GLY C 151 6.52 23.04 0.79
CA GLY C 151 6.50 21.64 0.50
C GLY C 151 5.18 21.01 0.87
N PRO C 152 4.98 19.77 0.42
CA PRO C 152 5.90 19.06 -0.47
C PRO C 152 5.36 18.83 -1.88
N VAL C 153 6.26 18.57 -2.83
CA VAL C 153 5.89 18.02 -4.13
C VAL C 153 6.23 16.54 -4.13
N THR C 154 5.41 15.75 -4.80
CA THR C 154 5.66 14.33 -5.00
C THR C 154 5.78 14.07 -6.49
N VAL C 155 6.73 13.20 -6.86
CA VAL C 155 6.95 12.82 -8.25
C VAL C 155 6.72 11.32 -8.40
N SER C 156 6.06 10.95 -9.51
CA SER C 156 5.90 9.56 -9.91
C SER C 156 6.26 9.47 -11.39
N TRP C 157 6.54 8.26 -11.84
CA TRP C 157 6.90 8.03 -13.23
C TRP C 157 5.94 7.06 -13.88
N ASN C 158 5.62 7.32 -15.15
CA ASN C 158 4.64 6.53 -15.91
C ASN C 158 3.41 6.24 -15.08
N SER C 159 2.91 7.28 -14.41
CA SER C 159 1.71 7.20 -13.58
C SER C 159 1.78 6.03 -12.60
N GLY C 160 2.99 5.67 -12.18
CA GLY C 160 3.22 4.61 -11.21
C GLY C 160 3.92 3.38 -11.75
N ALA C 161 3.91 3.18 -13.07
CA ALA C 161 4.52 1.98 -13.64
C ALA C 161 6.04 1.98 -13.45
N LEU C 162 6.70 3.11 -13.67
CA LEU C 162 8.15 3.18 -13.51
C LEU C 162 8.45 3.47 -12.04
N THR C 163 9.06 2.50 -11.36
CA THR C 163 9.40 2.64 -9.95
C THR C 163 10.86 2.28 -9.73
N SER C 164 11.34 1.30 -10.49
CA SER C 164 12.69 0.78 -10.31
C SER C 164 13.71 1.73 -10.94
N GLY C 165 14.75 2.04 -10.19
CA GLY C 165 15.77 2.94 -10.67
C GLY C 165 15.39 4.39 -10.65
N VAL C 166 14.26 4.73 -10.04
CA VAL C 166 13.85 6.12 -9.87
C VAL C 166 14.51 6.67 -8.61
N HIS C 167 15.09 7.86 -8.73
CA HIS C 167 15.67 8.56 -7.59
C HIS C 167 15.03 9.94 -7.54
N THR C 168 14.05 10.12 -6.65
CA THR C 168 13.44 11.42 -6.43
C THR C 168 14.18 12.08 -5.27
N PHE C 169 14.99 13.09 -5.57
CA PHE C 169 15.87 13.66 -4.57
C PHE C 169 15.06 14.48 -3.57
N PRO C 170 15.57 14.62 -2.34
CA PRO C 170 14.97 15.57 -1.41
C PRO C 170 15.11 16.99 -1.94
N ALA C 171 14.20 17.85 -1.49
CA ALA C 171 14.24 19.23 -1.94
C ALA C 171 15.35 19.99 -1.24
N VAL C 172 15.83 21.04 -1.90
CA VAL C 172 16.77 21.98 -1.32
C VAL C 172 16.18 23.37 -1.45
N LEU C 173 16.27 24.15 -0.37
CA LEU C 173 15.78 25.52 -0.42
C LEU C 173 16.82 26.38 -1.13
N GLN C 174 16.45 26.92 -2.29
CA GLN C 174 17.36 27.79 -3.01
C GLN C 174 17.42 29.16 -2.32
N SER C 175 18.41 29.95 -2.71
CA SER C 175 18.53 31.30 -2.15
C SER C 175 17.30 32.14 -2.43
N SER C 176 16.55 31.82 -3.49
CA SER C 176 15.32 32.53 -3.82
C SER C 176 14.22 32.31 -2.80
N GLY C 177 14.39 31.38 -1.86
CA GLY C 177 13.39 31.11 -0.84
C GLY C 177 12.41 30.01 -1.19
N LEU C 178 12.39 29.55 -2.44
CA LEU C 178 11.51 28.47 -2.87
C LEU C 178 12.31 27.18 -2.92
N TYR C 179 11.60 26.05 -2.91
CA TYR C 179 12.29 24.78 -2.98
C TYR C 179 12.49 24.40 -4.44
N SER C 180 13.22 23.31 -4.65
CA SER C 180 13.48 22.79 -5.97
C SER C 180 14.10 21.41 -5.83
N LEU C 181 13.55 20.42 -6.53
CA LEU C 181 14.12 19.09 -6.52
C LEU C 181 14.07 18.51 -7.92
N SER C 182 14.73 17.38 -8.06
CA SER C 182 14.84 16.67 -9.32
C SER C 182 14.58 15.20 -9.05
N SER C 183 13.85 14.56 -9.95
CA SER C 183 13.61 13.13 -9.90
C SER C 183 14.23 12.52 -11.14
N VAL C 184 15.14 11.57 -10.95
CA VAL C 184 15.82 10.93 -12.06
C VAL C 184 15.46 9.45 -12.09
N VAL C 185 15.46 8.89 -13.30
CA VAL C 185 15.27 7.47 -13.51
C VAL C 185 16.29 7.02 -14.56
N THR C 186 16.88 5.85 -14.34
CA THR C 186 17.78 5.26 -15.30
C THR C 186 17.07 4.14 -16.06
N VAL C 187 17.19 4.15 -17.38
CA VAL C 187 16.44 3.25 -18.24
C VAL C 187 17.37 2.72 -19.32
N PRO C 188 17.03 1.57 -19.90
CA PRO C 188 17.82 1.07 -21.03
C PRO C 188 17.76 2.01 -22.23
N SER C 189 18.93 2.24 -22.84
CA SER C 189 19.02 3.15 -23.98
C SER C 189 18.31 2.59 -25.21
N SER C 190 18.25 1.26 -25.33
CA SER C 190 17.53 0.67 -26.46
C SER C 190 16.06 1.04 -26.44
N SER C 191 15.50 1.25 -25.24
CA SER C 191 14.09 1.58 -25.04
C SER C 191 13.77 3.06 -25.27
N LEU C 192 14.78 3.93 -25.42
CA LEU C 192 14.53 5.36 -25.41
C LEU C 192 13.62 5.81 -26.55
N GLY C 193 13.67 5.13 -27.69
CA GLY C 193 12.89 5.57 -28.84
C GLY C 193 11.54 4.89 -28.99
N THR C 194 11.30 3.85 -28.19
CA THR C 194 10.05 3.10 -28.22
C THR C 194 9.20 3.30 -26.96
N GLN C 195 9.82 3.26 -25.78
CA GLN C 195 9.10 3.48 -24.53
C GLN C 195 9.04 4.97 -24.22
N THR C 196 7.85 5.47 -23.91
CA THR C 196 7.66 6.85 -23.49
C THR C 196 7.77 6.97 -21.98
N TYR C 197 8.40 8.06 -21.52
CA TYR C 197 8.67 8.26 -20.10
C TYR C 197 8.08 9.59 -19.68
N ILE C 198 7.12 9.55 -18.75
CA ILE C 198 6.39 10.73 -18.27
C ILE C 198 6.57 10.80 -16.76
N CYS C 199 7.08 11.94 -16.27
CA CYS C 199 7.07 12.20 -14.85
C CYS C 199 5.81 12.96 -14.47
N ASN C 200 5.23 12.60 -13.32
CA ASN C 200 4.01 13.22 -12.82
C ASN C 200 4.32 13.91 -11.50
N VAL C 201 4.30 15.24 -11.51
CA VAL C 201 4.60 16.05 -10.33
C VAL C 201 3.29 16.51 -9.70
N ASN C 202 3.14 16.28 -8.40
CA ASN C 202 1.97 16.74 -7.66
C ASN C 202 2.40 17.66 -6.52
N HIS C 203 1.82 18.86 -6.49
CA HIS C 203 2.08 19.87 -5.47
C HIS C 203 0.74 20.31 -4.89
N LYS C 204 0.31 19.64 -3.82
CA LYS C 204 -1.01 19.90 -3.23
C LYS C 204 -1.22 21.35 -2.81
N PRO C 205 -0.28 22.04 -2.15
CA PRO C 205 -0.61 23.39 -1.65
C PRO C 205 -1.06 24.35 -2.74
N SER C 206 -0.54 24.22 -3.95
CA SER C 206 -0.97 25.03 -5.09
C SER C 206 -1.93 24.29 -6.00
N ASN C 207 -2.34 23.08 -5.62
CA ASN C 207 -3.26 22.26 -6.41
C ASN C 207 -2.79 22.16 -7.86
N THR C 208 -1.50 21.91 -8.03
CA THR C 208 -0.87 21.84 -9.34
C THR C 208 -0.44 20.41 -9.62
N LYS C 209 -0.68 19.96 -10.85
CA LYS C 209 -0.24 18.64 -11.27
C LYS C 209 0.26 18.76 -12.70
N VAL C 210 1.55 18.49 -12.90
CA VAL C 210 2.21 18.63 -14.19
C VAL C 210 2.61 17.25 -14.66
N ASP C 211 2.30 16.94 -15.92
CA ASP C 211 2.69 15.67 -16.52
C ASP C 211 3.57 16.00 -17.73
N LYS C 212 4.87 15.77 -17.57
CA LYS C 212 5.87 16.05 -18.59
C LYS C 212 6.36 14.77 -19.23
N LYS C 213 6.49 14.80 -20.55
CA LYS C 213 7.11 13.73 -21.32
C LYS C 213 8.56 14.13 -21.57
N VAL C 214 9.49 13.43 -20.92
CA VAL C 214 10.92 13.61 -21.18
C VAL C 214 11.31 12.82 -22.42
N GLU C 215 11.79 13.52 -23.45
CA GLU C 215 12.10 12.92 -24.74
C GLU C 215 13.49 13.36 -25.20
N PRO C 216 14.27 12.46 -25.80
CA PRO C 216 15.61 12.82 -26.25
C PRO C 216 15.63 13.96 -27.27
N LYS C 217 16.66 14.79 -27.16
CA LYS C 217 16.86 15.98 -28.01
C LYS C 217 18.00 15.74 -28.99
N SER C 218 17.67 15.42 -30.25
CA SER C 218 18.72 15.23 -31.26
C SER C 218 18.93 16.48 -32.10
N ASP D 1 22.07 24.80 31.22
CA ASP D 1 22.94 24.17 30.21
C ASP D 1 22.76 22.66 30.21
N ILE D 2 22.42 22.10 29.05
CA ILE D 2 22.33 20.65 28.92
C ILE D 2 22.96 20.18 27.62
N GLN D 3 23.95 20.91 27.09
CA GLN D 3 24.46 20.60 25.75
C GLN D 3 24.71 19.10 25.59
N MET D 4 23.90 18.47 24.73
CA MET D 4 24.02 17.05 24.43
C MET D 4 24.69 16.88 23.09
N THR D 5 25.82 16.17 23.06
CA THR D 5 26.62 16.02 21.84
C THR D 5 26.70 14.54 21.49
N GLN D 6 26.03 14.14 20.40
CA GLN D 6 26.13 12.77 19.94
C GLN D 6 27.36 12.58 19.07
N SER D 7 27.96 11.40 19.17
CA SER D 7 28.98 10.96 18.27
C SER D 7 28.82 9.46 18.11
N PRO D 8 29.01 8.92 16.90
CA PRO D 8 29.24 9.69 15.68
C PRO D 8 27.94 10.33 15.20
N SER D 9 28.02 11.21 14.19
CA SER D 9 26.79 11.67 13.56
C SER D 9 26.23 10.60 12.65
N SER D 10 27.11 9.77 12.08
CA SER D 10 26.71 8.59 11.34
C SER D 10 27.89 7.61 11.34
N LEU D 11 27.57 6.34 11.15
CA LEU D 11 28.58 5.30 11.06
C LEU D 11 28.07 4.24 10.10
N SER D 12 28.99 3.58 9.42
CA SER D 12 28.65 2.53 8.47
C SER D 12 29.13 1.20 9.05
N ALA D 13 28.20 0.27 9.24
CA ALA D 13 28.51 -1.01 9.86
C ALA D 13 27.79 -2.13 9.13
N SER D 14 28.29 -3.34 9.31
CA SER D 14 27.71 -4.54 8.73
C SER D 14 26.85 -5.27 9.76
N VAL D 15 26.05 -6.20 9.25
CA VAL D 15 25.20 -7.03 10.09
C VAL D 15 26.06 -7.89 11.01
N GLY D 16 25.66 -7.97 12.28
CA GLY D 16 26.37 -8.76 13.26
C GLY D 16 27.45 -8.03 14.03
N ASP D 17 27.71 -6.76 13.71
CA ASP D 17 28.73 -5.98 14.39
C ASP D 17 28.19 -5.46 15.71
N ARG D 18 29.08 -5.26 16.68
CA ARG D 18 28.73 -4.55 17.89
C ARG D 18 29.00 -3.07 17.65
N VAL D 19 27.98 -2.25 17.86
CA VAL D 19 28.01 -0.83 17.50
C VAL D 19 27.65 -0.03 18.74
N THR D 20 28.44 1.00 19.03
CA THR D 20 28.31 1.77 20.26
C THR D 20 28.13 3.24 19.91
N ILE D 21 26.98 3.80 20.27
CA ILE D 21 26.70 5.21 20.10
C ILE D 21 26.83 5.91 21.44
N THR D 22 27.53 7.03 21.46
CA THR D 22 27.82 7.75 22.70
C THR D 22 27.15 9.12 22.68
N CYS D 23 26.75 9.56 23.87
CA CYS D 23 26.05 10.83 24.04
C CYS D 23 26.61 11.50 25.29
N ARG D 24 27.19 12.68 25.14
CA ARG D 24 27.94 13.33 26.22
C ARG D 24 27.13 14.48 26.79
N ALA D 25 26.86 14.44 28.09
CA ALA D 25 26.16 15.51 28.75
C ALA D 25 27.17 16.52 29.26
N SER D 26 26.78 17.80 29.26
CA SER D 26 27.66 18.87 29.66
C SER D 26 27.50 19.25 31.13
N GLN D 27 26.31 19.05 31.70
CA GLN D 27 26.02 19.47 33.06
C GLN D 27 25.65 18.27 33.93
N SER D 28 25.56 18.53 35.24
CA SER D 28 25.11 17.51 36.20
C SER D 28 23.78 16.93 35.76
N VAL D 29 23.75 15.62 35.53
CA VAL D 29 22.75 15.02 34.66
C VAL D 29 21.65 14.26 35.39
N SER D 30 21.98 13.64 36.53
CA SER D 30 21.09 12.66 37.14
C SER D 30 21.05 11.50 36.15
N SER D 31 20.08 10.60 36.25
CA SER D 31 19.99 9.54 35.25
C SER D 31 18.75 9.65 34.37
N ALA D 32 18.44 10.83 33.85
CA ALA D 32 17.25 10.98 33.01
C ALA D 32 17.57 10.87 31.52
N VAL D 33 18.35 9.86 31.14
CA VAL D 33 18.77 9.67 29.76
C VAL D 33 17.96 8.54 29.14
N ALA D 34 17.43 8.78 27.93
CA ALA D 34 16.66 7.80 27.19
C ALA D 34 17.19 7.73 25.76
N TRP D 35 16.93 6.60 25.11
CA TRP D 35 17.38 6.36 23.75
C TRP D 35 16.20 6.00 22.86
N TYR D 36 16.22 6.49 21.62
CA TYR D 36 15.14 6.24 20.67
C TYR D 36 15.70 5.74 19.34
N GLN D 37 14.89 4.95 18.65
CA GLN D 37 15.16 4.53 17.28
C GLN D 37 14.10 5.16 16.37
N GLN D 38 14.54 5.69 15.23
CA GLN D 38 13.61 6.24 14.25
C GLN D 38 14.01 5.80 12.85
N LYS D 39 13.08 5.16 12.13
CA LYS D 39 13.24 4.88 10.72
C LYS D 39 12.47 5.90 9.89
N PRO D 40 12.90 6.15 8.64
CA PRO D 40 12.28 7.19 7.81
C PRO D 40 10.77 7.07 7.70
N GLY D 41 10.06 8.13 8.12
CA GLY D 41 8.62 8.19 8.05
C GLY D 41 7.90 7.60 9.25
N LYS D 42 8.58 6.80 10.05
CA LYS D 42 8.00 6.31 11.30
C LYS D 42 8.34 7.26 12.44
N ALA D 43 7.50 7.25 13.47
CA ALA D 43 7.78 8.04 14.65
C ALA D 43 8.94 7.45 15.44
N PRO D 44 9.59 8.23 16.30
CA PRO D 44 10.60 7.65 17.19
C PRO D 44 9.98 6.62 18.11
N LYS D 45 10.75 5.56 18.38
CA LYS D 45 10.33 4.46 19.23
C LYS D 45 11.32 4.30 20.38
N LEU D 46 10.80 4.15 21.60
CA LEU D 46 11.66 4.06 22.77
C LEU D 46 12.44 2.75 22.79
N LEU D 47 13.70 2.83 23.20
CA LEU D 47 14.58 1.69 23.39
C LEU D 47 14.96 1.50 24.85
N ILE D 48 15.53 2.53 25.47
CA ILE D 48 16.10 2.47 26.80
C ILE D 48 15.56 3.63 27.62
N TYR D 49 15.42 3.43 28.93
CA TYR D 49 15.03 4.50 29.81
C TYR D 49 15.84 4.38 31.09
N SER D 50 15.98 5.50 31.81
CA SER D 50 16.86 5.62 32.97
C SER D 50 18.27 5.11 32.66
N ALA D 51 18.67 5.26 31.39
CA ALA D 51 20.03 5.09 30.87
C ALA D 51 20.50 3.64 30.81
N SER D 52 19.81 2.71 31.49
CA SER D 52 20.25 1.31 31.45
C SER D 52 19.13 0.30 31.39
N SER D 53 17.87 0.68 31.64
CA SER D 53 16.77 -0.27 31.71
C SER D 53 16.11 -0.43 30.33
N LEU D 54 15.87 -1.68 29.94
CA LEU D 54 15.33 -2.01 28.64
C LEU D 54 13.80 -1.89 28.64
N TYR D 55 13.27 -1.12 27.70
CA TYR D 55 11.81 -0.97 27.60
C TYR D 55 11.17 -2.27 27.17
N SER D 56 9.96 -2.52 27.67
CA SER D 56 9.28 -3.78 27.41
C SER D 56 9.10 -4.01 25.91
N GLY D 57 9.57 -5.16 25.44
CA GLY D 57 9.44 -5.55 24.05
C GLY D 57 10.65 -5.25 23.18
N VAL D 58 11.59 -4.43 23.65
CA VAL D 58 12.78 -4.14 22.86
C VAL D 58 13.72 -5.34 22.88
N PRO D 59 14.30 -5.74 21.75
CA PRO D 59 15.13 -6.95 21.74
C PRO D 59 16.31 -6.85 22.69
N SER D 60 16.77 -8.01 23.15
CA SER D 60 17.80 -8.08 24.18
C SER D 60 19.13 -7.49 23.73
N ARG D 61 19.38 -7.39 22.42
CA ARG D 61 20.67 -6.86 21.95
C ARG D 61 20.86 -5.40 22.33
N PHE D 62 19.78 -4.62 22.43
CA PHE D 62 19.90 -3.21 22.75
C PHE D 62 20.14 -3.05 24.24
N SER D 63 21.14 -2.25 24.60
CA SER D 63 21.52 -2.03 25.99
C SER D 63 21.99 -0.59 26.18
N GLY D 64 21.85 -0.10 27.40
CA GLY D 64 22.26 1.25 27.73
C GLY D 64 23.18 1.28 28.93
N SER D 65 24.08 2.26 28.93
CA SER D 65 25.02 2.43 30.03
C SER D 65 25.42 3.90 30.12
N ARG D 66 25.93 4.26 31.30
CA ARG D 66 26.45 5.59 31.57
C ARG D 66 27.81 5.45 32.26
N SER D 67 28.76 6.33 31.90
CA SER D 67 30.10 6.38 32.50
C SER D 67 30.41 7.83 32.87
N GLY D 68 29.84 8.30 33.98
CA GLY D 68 29.96 9.69 34.35
C GLY D 68 28.97 10.52 33.58
N THR D 69 29.47 11.38 32.70
CA THR D 69 28.61 12.16 31.81
C THR D 69 28.57 11.58 30.40
N ASP D 70 29.08 10.36 30.21
CA ASP D 70 29.07 9.71 28.91
C ASP D 70 28.02 8.61 28.97
N PHE D 71 26.98 8.77 28.16
CA PHE D 71 25.94 7.77 28.02
C PHE D 71 26.10 7.09 26.67
N THR D 72 26.12 5.77 26.67
CA THR D 72 26.33 5.01 25.45
C THR D 72 25.15 4.08 25.22
N LEU D 73 24.70 4.04 23.97
CA LEU D 73 23.83 2.97 23.49
C LEU D 73 24.69 2.00 22.70
N THR D 74 24.64 0.73 23.07
CA THR D 74 25.42 -0.29 22.39
C THR D 74 24.48 -1.40 21.94
N ILE D 75 24.59 -1.76 20.67
CA ILE D 75 23.84 -2.87 20.10
C ILE D 75 24.81 -4.04 19.94
N SER D 76 24.48 -5.17 20.56
CA SER D 76 25.43 -6.28 20.62
C SER D 76 25.68 -6.89 19.25
N SER D 77 24.63 -7.09 18.46
CA SER D 77 24.76 -7.69 17.12
C SER D 77 23.78 -7.01 16.19
N LEU D 78 24.32 -6.25 15.23
CA LEU D 78 23.49 -5.48 14.31
C LEU D 78 22.60 -6.42 13.50
N GLN D 79 21.32 -6.08 13.40
CA GLN D 79 20.36 -6.76 12.57
C GLN D 79 19.94 -5.89 11.38
N PRO D 80 19.43 -6.50 10.30
CA PRO D 80 19.00 -5.68 9.16
C PRO D 80 17.94 -4.67 9.55
N GLU D 81 17.12 -4.98 10.56
CA GLU D 81 16.10 -4.07 11.09
C GLU D 81 16.66 -3.04 12.07
N ASP D 82 17.97 -2.96 12.23
CA ASP D 82 18.57 -1.98 13.14
C ASP D 82 19.02 -0.70 12.45
N PHE D 83 19.17 -0.71 11.13
CA PHE D 83 19.74 0.45 10.44
C PHE D 83 18.71 1.58 10.42
N ALA D 84 18.98 2.62 11.19
CA ALA D 84 18.07 3.74 11.38
C ALA D 84 18.87 4.88 12.00
N THR D 85 18.16 5.90 12.49
CA THR D 85 18.77 7.01 13.23
C THR D 85 18.37 6.92 14.69
N TYR D 86 19.30 7.25 15.58
CA TYR D 86 19.12 7.04 17.02
C TYR D 86 19.34 8.35 17.76
N TYR D 87 18.49 8.60 18.76
CA TYR D 87 18.57 9.84 19.53
C TYR D 87 18.60 9.55 21.03
N CYS D 88 19.45 10.30 21.74
CA CYS D 88 19.50 10.32 23.19
C CYS D 88 18.79 11.57 23.72
N GLN D 89 18.17 11.44 24.89
CA GLN D 89 17.40 12.52 25.48
C GLN D 89 17.73 12.65 26.97
N GLN D 90 17.85 13.89 27.43
CA GLN D 90 18.17 14.18 28.83
C GLN D 90 17.07 15.08 29.39
N SER D 91 16.57 14.74 30.57
CA SER D 91 15.44 15.42 31.17
C SER D 91 15.73 16.04 32.54
N SER D 92 15.22 17.27 32.77
CA SER D 92 15.53 18.03 33.98
C SER D 92 14.33 18.57 34.78
N TYR D 93 13.12 18.11 34.46
CA TYR D 93 11.85 18.54 35.02
C TYR D 93 11.55 19.98 34.61
N SER D 94 12.53 20.63 33.99
CA SER D 94 12.36 21.97 33.48
C SER D 94 12.85 22.19 32.05
N LEU D 95 13.76 21.36 31.53
CA LEU D 95 14.20 21.46 30.13
C LEU D 95 14.53 20.06 29.65
N ILE D 96 14.24 19.81 28.37
CA ILE D 96 14.42 18.50 27.75
C ILE D 96 15.29 18.70 26.52
N THR D 97 16.42 17.98 26.45
CA THR D 97 17.32 18.12 25.31
C THR D 97 17.58 16.78 24.64
N PHE D 98 17.72 16.82 23.31
CA PHE D 98 17.99 15.65 22.48
C PHE D 98 19.36 15.76 21.82
N GLY D 99 19.92 14.61 21.45
CA GLY D 99 21.10 14.59 20.61
C GLY D 99 20.75 14.87 19.16
N GLN D 100 21.80 15.16 18.37
CA GLN D 100 21.61 15.44 16.95
C GLN D 100 21.41 14.20 16.09
N GLY D 101 21.53 13.01 16.67
CA GLY D 101 21.20 11.80 15.92
C GLY D 101 22.39 11.11 15.27
N THR D 102 22.35 9.77 15.26
CA THR D 102 23.38 8.95 14.66
C THR D 102 22.76 8.06 13.61
N LYS D 103 23.29 8.10 12.38
CA LYS D 103 22.79 7.28 11.29
C LYS D 103 23.62 6.01 11.20
N VAL D 104 22.98 4.87 11.44
CA VAL D 104 23.60 3.58 11.26
C VAL D 104 23.28 3.13 9.84
N GLU D 105 24.34 3.05 9.02
CA GLU D 105 24.17 2.69 7.59
C GLU D 105 24.83 1.35 7.31
N ILE D 106 24.42 0.67 6.25
CA ILE D 106 24.93 -0.66 5.94
C ILE D 106 26.26 -0.50 5.23
N LYS D 107 27.26 -1.25 5.69
CA LYS D 107 28.56 -1.27 5.03
C LYS D 107 28.46 -2.00 3.71
N ARG D 108 29.01 -1.38 2.66
CA ARG D 108 28.95 -1.92 1.32
C ARG D 108 30.32 -1.78 0.66
N THR D 109 30.56 -2.61 -0.35
CA THR D 109 31.76 -2.47 -1.14
C THR D 109 31.68 -1.16 -1.91
N VAL D 110 32.80 -0.46 -2.01
CA VAL D 110 32.79 0.83 -2.69
C VAL D 110 32.38 0.64 -4.14
N ALA D 111 31.54 1.53 -4.63
CA ALA D 111 31.09 1.55 -6.02
C ALA D 111 31.11 2.99 -6.50
N ALA D 112 31.77 3.24 -7.62
CA ALA D 112 31.90 4.60 -8.10
C ALA D 112 30.69 4.99 -8.94
N PRO D 113 30.34 6.28 -8.97
CA PRO D 113 29.06 6.67 -9.58
C PRO D 113 29.10 6.66 -11.09
N SER D 114 27.95 6.35 -11.68
CA SER D 114 27.65 6.82 -13.03
C SER D 114 27.39 8.32 -12.98
N VAL D 115 28.11 9.08 -13.79
CA VAL D 115 27.99 10.54 -13.82
C VAL D 115 27.30 10.95 -15.12
N PHE D 116 26.25 11.75 -14.99
CA PHE D 116 25.52 12.28 -16.13
C PHE D 116 25.41 13.78 -15.96
N ILE D 117 25.51 14.51 -17.08
CA ILE D 117 25.36 15.97 -17.06
C ILE D 117 24.19 16.35 -17.96
N PHE D 118 23.31 17.20 -17.43
CA PHE D 118 22.09 17.60 -18.14
C PHE D 118 22.10 19.10 -18.40
N PRO D 119 22.16 19.54 -19.65
CA PRO D 119 22.11 20.98 -19.93
C PRO D 119 20.73 21.54 -19.66
N PRO D 120 20.62 22.84 -19.40
CA PRO D 120 19.30 23.43 -19.10
C PRO D 120 18.36 23.27 -20.28
N SER D 121 17.10 22.99 -19.98
CA SER D 121 16.11 22.83 -21.04
C SER D 121 15.89 24.15 -21.76
N ASP D 122 15.57 24.06 -23.05
CA ASP D 122 15.36 25.27 -23.84
C ASP D 122 14.17 26.06 -23.31
N GLU D 123 13.19 25.36 -22.74
CA GLU D 123 12.02 26.00 -22.17
C GLU D 123 12.42 26.98 -21.07
N GLN D 124 13.29 26.53 -20.17
CA GLN D 124 13.73 27.32 -19.03
C GLN D 124 14.65 28.45 -19.47
N LEU D 125 15.37 28.28 -20.59
CA LEU D 125 16.24 29.36 -21.08
C LEU D 125 15.44 30.60 -21.46
N LYS D 126 14.19 30.45 -21.89
CA LYS D 126 13.34 31.62 -22.10
C LYS D 126 13.05 32.35 -20.80
N SER D 127 13.24 31.71 -19.65
CA SER D 127 12.88 32.26 -18.35
C SER D 127 14.00 33.03 -17.68
N GLY D 128 15.17 33.14 -18.31
CA GLY D 128 16.25 33.93 -17.75
C GLY D 128 17.10 33.21 -16.73
N THR D 129 16.72 32.00 -16.33
CA THR D 129 17.53 31.17 -15.44
C THR D 129 17.89 29.87 -16.17
N ALA D 130 19.13 29.42 -16.01
CA ALA D 130 19.60 28.19 -16.64
C ALA D 130 20.19 27.31 -15.55
N SER D 131 19.53 26.19 -15.28
CA SER D 131 20.01 25.23 -14.29
C SER D 131 20.69 24.08 -15.01
N VAL D 132 21.97 23.88 -14.70
CA VAL D 132 22.74 22.75 -15.21
C VAL D 132 22.81 21.71 -14.11
N VAL D 133 22.50 20.47 -14.45
CA VAL D 133 22.26 19.41 -13.46
C VAL D 133 23.28 18.31 -13.69
N CYS D 134 23.93 17.89 -12.61
CA CYS D 134 24.88 16.78 -12.63
C CYS D 134 24.39 15.68 -11.71
N LEU D 135 24.38 14.44 -12.20
CA LEU D 135 23.86 13.30 -11.49
C LEU D 135 24.96 12.28 -11.20
N LEU D 136 25.03 11.82 -9.95
CA LEU D 136 25.93 10.76 -9.51
C LEU D 136 25.07 9.59 -9.05
N ASN D 137 24.95 8.55 -9.86
CA ASN D 137 23.95 7.51 -9.65
C ASN D 137 24.58 6.27 -9.02
N ASN D 138 24.05 5.85 -7.87
CA ASN D 138 24.33 4.55 -7.27
C ASN D 138 25.83 4.34 -6.99
N PHE D 139 26.34 5.14 -6.05
CA PHE D 139 27.74 5.08 -5.66
C PHE D 139 27.85 4.88 -4.16
N TYR D 140 29.05 4.50 -3.72
CA TYR D 140 29.37 4.29 -2.32
C TYR D 140 30.87 4.50 -2.13
N PRO D 141 31.29 5.15 -1.03
CA PRO D 141 30.51 5.72 0.07
C PRO D 141 29.90 7.08 -0.27
N ARG D 142 29.12 7.66 0.63
CA ARG D 142 28.40 8.92 0.32
C ARG D 142 29.34 10.11 0.14
N GLU D 143 30.56 10.02 0.67
CA GLU D 143 31.47 11.16 0.63
C GLU D 143 32.00 11.38 -0.78
N ALA D 144 31.65 12.53 -1.37
CA ALA D 144 32.08 12.82 -2.74
C ALA D 144 32.13 14.33 -2.95
N LYS D 145 33.07 14.75 -3.79
CA LYS D 145 33.28 16.16 -4.14
C LYS D 145 32.82 16.39 -5.57
N VAL D 146 31.95 17.38 -5.75
CA VAL D 146 31.40 17.73 -7.06
C VAL D 146 31.68 19.20 -7.33
N SER D 147 32.40 19.49 -8.40
CA SER D 147 32.87 20.84 -8.69
C SER D 147 32.42 21.25 -10.08
N TRP D 148 32.01 22.51 -10.22
CA TRP D 148 31.45 23.03 -11.47
C TRP D 148 32.46 23.95 -12.14
N TYR D 149 32.65 23.76 -13.45
CA TYR D 149 33.57 24.57 -14.24
C TYR D 149 32.84 25.09 -15.47
N VAL D 150 32.73 26.41 -15.59
CA VAL D 150 32.16 27.03 -16.78
C VAL D 150 33.30 27.71 -17.53
N ASP D 151 33.60 27.20 -18.72
CA ASP D 151 34.77 27.62 -19.48
C ASP D 151 36.04 27.49 -18.63
N ASN D 152 36.17 26.33 -17.99
CA ASN D 152 37.34 25.92 -17.20
C ASN D 152 37.52 26.72 -15.92
N ALA D 153 36.57 27.57 -15.56
CA ALA D 153 36.67 28.42 -14.38
C ALA D 153 35.84 27.85 -13.24
N LEU D 154 36.49 27.64 -12.10
CA LEU D 154 35.82 27.05 -10.94
C LEU D 154 34.70 27.95 -10.46
N GLN D 155 33.48 27.41 -10.41
CA GLN D 155 32.35 28.10 -9.84
C GLN D 155 32.19 27.74 -8.37
N SER D 156 31.87 28.75 -7.56
CA SER D 156 31.64 28.57 -6.14
C SER D 156 30.44 29.40 -5.73
N GLY D 157 29.56 28.81 -4.92
CA GLY D 157 28.44 29.53 -4.35
C GLY D 157 27.24 29.68 -5.25
N ASN D 158 27.18 28.97 -6.38
CA ASN D 158 26.01 28.99 -7.24
C ASN D 158 25.51 27.57 -7.53
N SER D 159 25.73 26.65 -6.60
CA SER D 159 25.27 25.28 -6.75
C SER D 159 24.82 24.75 -5.40
N GLN D 160 23.94 23.74 -5.45
CA GLN D 160 23.45 23.06 -4.26
C GLN D 160 23.43 21.56 -4.53
N GLU D 161 23.69 20.77 -3.49
CA GLU D 161 23.67 19.33 -3.62
C GLU D 161 22.51 18.74 -2.83
N SER D 162 22.13 17.53 -3.23
CA SER D 162 21.03 16.79 -2.61
C SER D 162 21.33 15.31 -2.75
N VAL D 163 21.14 14.56 -1.65
CA VAL D 163 21.57 13.18 -1.58
C VAL D 163 20.41 12.33 -1.06
N THR D 164 20.16 11.20 -1.73
CA THR D 164 19.17 10.24 -1.27
C THR D 164 19.65 9.56 0.01
N GLU D 165 18.82 8.70 0.58
CA GLU D 165 19.33 7.85 1.64
C GLU D 165 19.76 6.53 1.02
N GLN D 166 20.32 5.65 1.84
CA GLN D 166 20.88 4.41 1.31
C GLN D 166 19.79 3.66 0.57
N ASP D 167 20.11 3.21 -0.65
CA ASP D 167 19.10 2.59 -1.49
C ASP D 167 18.66 1.28 -0.87
N SER D 168 17.33 1.08 -0.80
CA SER D 168 16.76 -0.05 -0.09
C SER D 168 17.13 -1.39 -0.73
N LYS D 169 17.58 -1.41 -2.00
CA LYS D 169 18.02 -2.66 -2.60
C LYS D 169 19.55 -2.80 -2.65
N ASP D 170 20.24 -1.89 -3.33
CA ASP D 170 21.69 -2.07 -3.54
C ASP D 170 22.55 -1.41 -2.45
N SER D 171 21.95 -0.73 -1.47
CA SER D 171 22.68 -0.06 -0.39
C SER D 171 23.64 1.02 -0.87
N THR D 172 23.36 1.63 -2.02
CA THR D 172 24.18 2.73 -2.52
C THR D 172 23.47 4.06 -2.26
N TYR D 173 24.09 5.15 -2.73
CA TYR D 173 23.51 6.48 -2.69
C TYR D 173 23.44 7.05 -4.10
N SER D 174 22.65 8.11 -4.25
CA SER D 174 22.69 8.95 -5.44
C SER D 174 22.74 10.40 -5.02
N LEU D 175 23.39 11.24 -5.84
CA LEU D 175 23.62 12.64 -5.52
C LEU D 175 23.23 13.49 -6.73
N SER D 176 22.72 14.68 -6.45
CA SER D 176 22.44 15.69 -7.47
C SER D 176 23.17 16.99 -7.13
N SER D 177 23.65 17.68 -8.16
CA SER D 177 24.19 19.03 -8.00
C SER D 177 23.65 19.91 -9.10
N THR D 178 22.87 20.93 -8.73
CA THR D 178 22.23 21.83 -9.68
C THR D 178 22.97 23.17 -9.69
N LEU D 179 23.49 23.55 -10.86
CA LEU D 179 24.24 24.80 -11.03
C LEU D 179 23.33 25.85 -11.65
N THR D 180 23.16 26.97 -10.94
CA THR D 180 22.18 28.00 -11.28
C THR D 180 22.86 29.21 -11.92
N LEU D 181 22.40 29.58 -13.11
CA LEU D 181 22.99 30.71 -13.84
C LEU D 181 21.91 31.51 -14.56
N SER D 182 22.18 32.81 -14.72
CA SER D 182 21.30 33.66 -15.50
C SER D 182 21.43 33.30 -16.98
N LYS D 183 20.36 33.55 -17.73
CA LYS D 183 20.37 33.28 -19.17
C LYS D 183 21.56 33.97 -19.85
N ALA D 184 21.76 35.25 -19.54
CA ALA D 184 22.91 35.96 -20.11
C ALA D 184 24.23 35.31 -19.72
N ASP D 185 24.37 34.89 -18.46
CA ASP D 185 25.59 34.21 -18.03
C ASP D 185 25.76 32.86 -18.70
N TYR D 186 24.68 32.10 -18.83
CA TYR D 186 24.78 30.81 -19.49
C TYR D 186 25.15 30.99 -20.96
N GLU D 187 24.61 32.03 -21.59
CA GLU D 187 24.77 32.24 -23.02
C GLU D 187 26.12 32.82 -23.44
N LYS D 188 26.99 33.23 -22.51
CA LYS D 188 28.29 33.75 -22.88
C LYS D 188 29.43 32.80 -22.55
N HIS D 189 29.13 31.52 -22.35
CA HIS D 189 30.16 30.52 -22.09
C HIS D 189 29.84 29.27 -22.89
N LYS D 190 30.85 28.45 -23.12
CA LYS D 190 30.75 27.32 -24.04
C LYS D 190 30.77 25.96 -23.34
N VAL D 191 31.79 25.66 -22.55
CA VAL D 191 31.97 24.32 -21.99
C VAL D 191 31.56 24.35 -20.51
N TYR D 192 30.60 23.49 -20.18
CA TYR D 192 30.13 23.30 -18.81
C TYR D 192 30.57 21.91 -18.37
N ALA D 193 31.28 21.85 -17.25
CA ALA D 193 31.90 20.61 -16.82
C ALA D 193 31.54 20.32 -15.37
N CYS D 194 31.16 19.07 -15.11
CA CYS D 194 30.90 18.57 -13.76
C CYS D 194 31.99 17.56 -13.44
N GLU D 195 32.75 17.84 -12.39
CA GLU D 195 33.90 17.02 -12.01
C GLU D 195 33.63 16.41 -10.64
N VAL D 196 33.44 15.09 -10.61
CA VAL D 196 33.25 14.36 -9.36
C VAL D 196 34.60 13.79 -8.96
N THR D 197 35.05 14.13 -7.75
CA THR D 197 36.29 13.57 -7.21
C THR D 197 35.93 12.75 -6.00
N GLN D 198 36.49 11.54 -5.93
CA GLN D 198 36.17 10.62 -4.84
C GLN D 198 37.42 9.79 -4.59
N GLY D 199 38.14 10.11 -3.51
CA GLY D 199 39.40 9.45 -3.23
C GLY D 199 40.46 9.78 -4.26
N THR D 200 40.96 8.76 -4.95
CA THR D 200 42.02 8.91 -5.94
C THR D 200 41.49 9.23 -7.34
N THR D 201 40.18 9.38 -7.51
CA THR D 201 39.56 9.37 -8.83
C THR D 201 38.73 10.63 -9.04
N SER D 202 39.03 11.34 -10.12
CA SER D 202 38.20 12.44 -10.62
C SER D 202 37.55 12.01 -11.94
N VAL D 203 36.27 12.31 -12.09
CA VAL D 203 35.55 12.02 -13.32
C VAL D 203 34.82 13.28 -13.77
N THR D 204 35.20 13.79 -14.95
CA THR D 204 34.64 15.03 -15.47
C THR D 204 33.78 14.72 -16.69
N LYS D 205 32.47 14.90 -16.55
CA LYS D 205 31.53 14.83 -17.65
C LYS D 205 31.14 16.25 -18.03
N SER D 206 30.92 16.48 -19.33
CA SER D 206 30.72 17.86 -19.77
C SER D 206 29.92 17.88 -21.06
N PHE D 207 29.45 19.08 -21.41
CA PHE D 207 28.81 19.34 -22.69
C PHE D 207 29.29 20.69 -23.20
N ASN D 208 29.25 20.85 -24.52
CA ASN D 208 29.56 22.11 -25.17
C ASN D 208 28.24 22.76 -25.55
N ARG D 209 27.96 23.92 -24.97
CA ARG D 209 26.71 24.62 -25.26
C ARG D 209 26.54 24.73 -26.78
N GLY D 210 25.54 24.04 -27.32
CA GLY D 210 25.25 24.05 -28.75
C GLY D 210 25.45 22.71 -29.43
N GLU D 211 26.39 21.90 -28.95
CA GLU D 211 26.67 20.60 -29.58
C GLU D 211 25.54 19.64 -29.27
N CYS D 212 24.78 19.28 -30.29
CA CYS D 212 23.60 18.44 -30.13
C CYS D 212 23.76 17.06 -30.77
N LYS E 10 -6.17 -6.95 41.90
CA LYS E 10 -7.46 -6.93 41.21
C LYS E 10 -7.45 -7.77 39.94
N PHE E 11 -6.37 -8.51 39.71
CA PHE E 11 -6.18 -9.19 38.44
C PHE E 11 -6.89 -10.54 38.37
N GLU E 12 -6.45 -11.52 39.20
CA GLU E 12 -6.92 -12.91 39.12
C GLU E 12 -8.41 -13.03 38.80
N SER E 13 -9.25 -12.36 39.60
CA SER E 13 -10.68 -12.37 39.38
C SER E 13 -11.03 -12.03 37.94
N LYS E 14 -10.53 -10.89 37.45
CA LYS E 14 -10.86 -10.44 36.10
C LYS E 14 -10.58 -11.53 35.06
N ALA E 15 -9.44 -12.20 35.19
CA ALA E 15 -9.13 -13.33 34.31
C ALA E 15 -10.13 -14.46 34.53
N ALA E 16 -10.30 -14.89 35.78
CA ALA E 16 -11.18 -16.03 36.07
C ALA E 16 -12.59 -15.77 35.55
N LEU E 17 -13.10 -14.56 35.77
CA LEU E 17 -14.31 -14.08 35.12
C LEU E 17 -14.34 -14.46 33.64
N LEU E 18 -13.27 -14.12 32.92
CA LEU E 18 -13.27 -14.24 31.47
C LEU E 18 -13.25 -15.69 31.01
N ALA E 19 -12.31 -16.48 31.53
CA ALA E 19 -12.04 -17.81 30.99
C ALA E 19 -13.29 -18.66 30.82
N ALA E 20 -14.37 -18.28 31.50
CA ALA E 20 -15.68 -18.88 31.26
C ALA E 20 -16.23 -18.44 29.91
N ARG E 21 -15.49 -17.61 29.20
CA ARG E 21 -15.81 -17.27 27.81
C ARG E 21 -15.25 -18.27 26.81
N GLY E 22 -14.78 -19.42 27.27
CA GLY E 22 -14.45 -20.50 26.38
C GLY E 22 -12.99 -20.63 26.01
N PRO E 23 -12.60 -21.83 25.60
CA PRO E 23 -11.23 -22.07 25.16
C PRO E 23 -10.99 -21.88 23.67
N GLU E 24 -12.04 -21.71 22.85
CA GLU E 24 -11.81 -21.54 21.41
C GLU E 24 -11.34 -20.14 21.05
N GLU E 25 -11.60 -19.15 21.89
CA GLU E 25 -11.20 -17.78 21.64
C GLU E 25 -10.05 -17.41 22.57
N LEU E 26 -9.04 -16.75 22.03
CA LEU E 26 -7.94 -16.26 22.86
C LEU E 26 -8.44 -15.10 23.71
N LEU E 27 -8.62 -15.35 25.00
CA LEU E 27 -9.09 -14.34 25.93
C LEU E 27 -8.07 -13.21 26.01
N CYS E 28 -8.50 -11.98 25.73
CA CYS E 28 -7.62 -10.83 25.73
C CYS E 28 -8.38 -9.63 26.27
N PHE E 29 -7.76 -8.87 27.18
CA PHE E 29 -8.37 -7.65 27.65
C PHE E 29 -7.30 -6.63 28.00
N THR E 30 -7.72 -5.37 28.08
CA THR E 30 -6.88 -4.27 28.50
C THR E 30 -7.50 -3.61 29.73
N GLU E 31 -6.64 -3.08 30.60
CA GLU E 31 -7.06 -2.50 31.87
C GLU E 31 -7.19 -0.98 31.82
N ARG E 32 -6.20 -0.28 31.27
CA ARG E 32 -6.22 1.18 31.18
C ARG E 32 -5.92 1.62 29.75
N LEU E 33 -6.25 0.78 28.78
CA LEU E 33 -6.01 1.01 27.35
C LEU E 33 -4.54 1.23 27.04
N GLU E 34 -3.67 1.07 28.04
CA GLU E 34 -2.22 1.18 27.91
C GLU E 34 -1.58 -0.15 28.28
N ASP E 35 -2.29 -1.23 28.01
CA ASP E 35 -1.85 -2.58 28.34
C ASP E 35 -2.62 -3.56 27.46
N LEU E 36 -2.12 -4.79 27.40
CA LEU E 36 -2.89 -5.88 26.81
C LEU E 36 -2.40 -7.17 27.42
N VAL E 37 -3.33 -8.01 27.85
CA VAL E 37 -3.02 -9.33 28.37
C VAL E 37 -3.89 -10.34 27.65
N CYS E 38 -3.26 -11.43 27.20
CA CYS E 38 -3.94 -12.51 26.52
C CYS E 38 -3.60 -13.81 27.23
N PHE E 39 -4.60 -14.62 27.50
CA PHE E 39 -4.36 -15.88 28.20
C PHE E 39 -5.26 -16.96 27.64
N TRP E 40 -4.92 -18.20 28.00
CA TRP E 40 -5.78 -19.35 27.72
C TRP E 40 -5.40 -20.45 28.69
N GLU E 41 -6.42 -21.12 29.23
CA GLU E 41 -6.17 -22.25 30.11
C GLU E 41 -6.10 -23.55 29.32
N GLU E 42 -5.40 -24.52 29.89
CA GLU E 42 -5.24 -25.85 29.31
C GLU E 42 -5.41 -26.86 30.43
N ALA E 43 -5.08 -28.12 30.15
CA ALA E 43 -5.05 -29.15 31.16
C ALA E 43 -3.61 -29.49 31.52
N ALA E 44 -3.43 -30.15 32.66
CA ALA E 44 -2.10 -30.47 33.18
C ALA E 44 -1.91 -31.98 33.12
N SER E 45 -1.50 -32.47 31.95
CA SER E 45 -1.21 -33.89 31.80
C SER E 45 0.13 -34.19 31.16
N ALA E 46 0.56 -33.38 30.20
CA ALA E 46 1.73 -33.67 29.38
C ALA E 46 3.00 -33.83 30.21
N PRO E 50 3.53 -29.97 29.35
CA PRO E 50 2.86 -28.66 29.34
C PRO E 50 2.55 -28.16 27.93
N GLY E 51 3.50 -28.35 27.02
CA GLY E 51 3.34 -27.88 25.66
C GLY E 51 4.25 -26.70 25.37
N ASN E 52 4.62 -26.56 24.10
CA ASN E 52 5.51 -25.51 23.62
C ASN E 52 4.76 -24.68 22.59
N TYR E 53 4.60 -23.38 22.87
CA TYR E 53 3.82 -22.51 22.01
C TYR E 53 4.56 -21.21 21.73
N SER E 54 4.22 -20.60 20.59
CA SER E 54 4.85 -19.36 20.13
C SER E 54 3.78 -18.30 19.95
N PHE E 55 3.87 -17.23 20.75
CA PHE E 55 2.97 -16.08 20.65
C PHE E 55 3.61 -15.06 19.72
N SER E 56 3.09 -14.97 18.50
CA SER E 56 3.51 -13.95 17.55
C SER E 56 2.35 -12.99 17.29
N TYR E 57 2.64 -11.70 17.27
CA TYR E 57 1.63 -10.70 16.97
C TYR E 57 2.22 -9.67 16.02
N GLN E 58 1.38 -9.11 15.16
CA GLN E 58 1.77 -8.00 14.30
C GLN E 58 0.87 -6.81 14.57
N LEU E 59 1.49 -5.63 14.65
CA LEU E 59 0.78 -4.37 14.77
C LEU E 59 0.88 -3.65 13.43
N GLU E 60 -0.26 -3.49 12.77
CA GLU E 60 -0.35 -2.80 11.47
C GLU E 60 0.53 -3.56 10.48
N ASP E 61 1.46 -2.90 9.79
CA ASP E 61 2.43 -3.53 8.91
C ASP E 61 3.85 -3.42 9.46
N GLU E 62 3.98 -3.08 10.75
CA GLU E 62 5.26 -3.19 11.42
C GLU E 62 5.68 -4.66 11.43
N PRO E 63 6.97 -4.92 11.57
CA PRO E 63 7.42 -6.31 11.63
C PRO E 63 6.74 -7.07 12.75
N TRP E 64 6.40 -8.33 12.49
CA TRP E 64 5.88 -9.19 13.53
C TRP E 64 6.88 -9.26 14.67
N LYS E 65 6.37 -9.49 15.88
CA LYS E 65 7.21 -9.70 17.03
C LYS E 65 6.76 -10.96 17.76
N LEU E 66 7.57 -11.37 18.73
CA LEU E 66 7.29 -12.52 19.56
C LEU E 66 7.01 -12.04 20.97
N CYS E 67 6.15 -12.77 21.67
CA CYS E 67 5.78 -12.44 23.03
C CYS E 67 6.16 -13.58 23.95
N ARG E 68 6.87 -13.27 25.03
CA ARG E 68 7.32 -14.29 25.97
C ARG E 68 6.11 -14.92 26.65
N LEU E 69 5.97 -16.23 26.49
CA LEU E 69 4.87 -16.98 27.09
C LEU E 69 5.26 -17.46 28.47
N HIS E 70 4.38 -17.26 29.44
CA HIS E 70 4.60 -17.70 30.81
C HIS E 70 3.51 -18.70 31.22
N GLN E 71 3.87 -19.57 32.14
CA GLN E 71 3.01 -20.64 32.63
C GLN E 71 2.60 -20.37 34.07
N ALA E 72 1.50 -21.01 34.49
CA ALA E 72 1.04 -20.96 35.88
C ALA E 72 -0.09 -21.95 36.14
N PRO E 73 -0.19 -22.50 37.35
CA PRO E 73 -1.32 -23.36 37.70
C PRO E 73 -2.46 -22.57 38.33
N THR E 74 -3.64 -23.19 38.36
CA THR E 74 -4.82 -22.55 38.93
C THR E 74 -5.56 -23.45 39.92
N ALA E 75 -5.46 -24.76 39.72
CA ALA E 75 -6.21 -25.74 40.50
C ALA E 75 -7.71 -25.47 40.42
N GLY E 77 -6.69 -28.55 38.81
CA GLY E 77 -5.31 -28.45 38.34
C GLY E 77 -5.18 -27.93 36.92
N ALA E 78 -5.79 -26.79 36.66
CA ALA E 78 -5.73 -26.17 35.34
C ALA E 78 -4.52 -25.26 35.22
N VAL E 79 -3.93 -25.23 34.03
CA VAL E 79 -2.71 -24.47 33.77
C VAL E 79 -3.03 -23.38 32.76
N ARG E 80 -2.56 -22.17 33.04
CA ARG E 80 -2.89 -20.98 32.26
C ARG E 80 -1.62 -20.40 31.65
N PHE E 81 -1.65 -20.15 30.35
CA PHE E 81 -0.55 -19.48 29.66
C PHE E 81 -1.00 -18.07 29.30
N TRP E 82 -0.18 -17.08 29.60
CA TRP E 82 -0.49 -15.72 29.23
C TRP E 82 0.76 -15.02 28.73
N CYS E 83 0.57 -13.77 28.33
CA CYS E 83 1.63 -12.92 27.79
C CYS E 83 1.15 -11.48 27.73
N SER E 84 1.96 -10.56 28.26
CA SER E 84 1.59 -9.16 28.34
C SER E 84 2.17 -8.39 27.16
N LEU E 85 1.47 -7.35 26.73
CA LEU E 85 1.98 -6.56 25.62
C LEU E 85 2.38 -5.16 26.06
N PRO E 86 3.54 -4.68 25.61
CA PRO E 86 4.08 -3.41 26.11
C PRO E 86 3.25 -2.19 25.68
N THR E 87 3.40 -1.13 26.49
CA THR E 87 2.51 0.03 26.41
C THR E 87 2.56 0.75 25.08
N ALA E 88 3.74 0.84 24.45
CA ALA E 88 3.88 1.62 23.23
C ALA E 88 3.02 1.06 22.10
N ASP E 89 3.08 -0.26 21.89
CA ASP E 89 2.28 -0.91 20.85
C ASP E 89 0.95 -1.44 21.38
N THR E 90 0.38 -0.78 22.39
CA THR E 90 -1.04 -0.90 22.74
C THR E 90 -1.77 0.42 22.51
N SER E 91 -1.48 1.07 21.39
CA SER E 91 -2.30 2.21 20.99
C SER E 91 -3.71 1.74 20.65
N SER E 92 -4.64 2.68 20.65
CA SER E 92 -6.02 2.34 20.33
C SER E 92 -6.26 2.46 18.83
N PHE E 93 -7.45 2.06 18.40
CA PHE E 93 -7.93 2.19 17.03
C PHE E 93 -7.04 1.50 16.01
N VAL E 94 -6.08 0.71 16.45
CA VAL E 94 -5.11 0.08 15.57
C VAL E 94 -5.43 -1.41 15.51
N PRO E 95 -5.72 -1.97 14.32
CA PRO E 95 -5.79 -3.43 14.20
C PRO E 95 -4.49 -4.09 14.60
N LEU E 96 -4.56 -4.92 15.63
CA LEU E 96 -3.42 -5.67 16.14
C LEU E 96 -3.73 -7.15 15.98
N GLU E 97 -2.87 -7.85 15.24
CA GLU E 97 -3.08 -9.28 15.03
C GLU E 97 -2.45 -10.08 16.16
N LEU E 98 -2.94 -11.31 16.34
CA LEU E 98 -2.45 -12.16 17.41
C LEU E 98 -2.43 -13.60 16.91
N ARG E 99 -1.36 -14.32 17.26
CA ARG E 99 -1.17 -15.67 16.73
C ARG E 99 -0.47 -16.51 17.79
N VAL E 100 -1.20 -17.47 18.35
CA VAL E 100 -0.61 -18.53 19.17
C VAL E 100 -0.47 -19.76 18.30
N THR E 101 0.75 -20.29 18.22
CA THR E 101 1.06 -21.42 17.35
C THR E 101 1.81 -22.47 18.15
N ALA E 102 1.51 -23.74 17.88
CA ALA E 102 2.25 -24.82 18.50
C ALA E 102 3.64 -24.92 17.89
N ALA E 103 4.56 -25.56 18.64
CA ALA E 103 5.88 -25.86 18.09
C ALA E 103 5.77 -26.77 16.89
N SER E 104 4.71 -27.59 16.83
CA SER E 104 4.43 -28.38 15.64
C SER E 104 4.11 -27.52 14.43
N GLY E 105 3.64 -26.29 14.65
CA GLY E 105 3.28 -25.37 13.59
C GLY E 105 1.79 -25.14 13.43
N ALA E 106 0.95 -26.00 14.02
CA ALA E 106 -0.49 -25.84 13.88
C ALA E 106 -0.95 -24.63 14.67
N PRO E 107 -1.69 -23.70 14.06
CA PRO E 107 -2.15 -22.51 14.79
C PRO E 107 -3.23 -22.87 15.79
N ARG E 108 -3.07 -22.38 17.02
CA ARG E 108 -4.05 -22.66 18.07
C ARG E 108 -5.05 -21.52 18.25
N TYR E 109 -4.64 -20.26 18.11
CA TYR E 109 -5.58 -19.16 17.98
C TYR E 109 -5.07 -18.19 16.91
N HIS E 110 -6.00 -17.43 16.35
CA HIS E 110 -5.65 -16.40 15.36
C HIS E 110 -6.75 -15.33 15.42
N ARG E 111 -6.41 -14.19 16.01
CA ARG E 111 -7.40 -13.19 16.38
C ARG E 111 -7.01 -11.83 15.82
N VAL E 112 -8.01 -10.95 15.68
CA VAL E 112 -7.79 -9.54 15.38
C VAL E 112 -8.57 -8.75 16.41
N ILE E 113 -7.87 -8.01 17.27
CA ILE E 113 -8.50 -7.15 18.26
C ILE E 113 -8.08 -5.71 18.00
N HIS E 114 -9.04 -4.81 18.04
CA HIS E 114 -8.73 -3.42 18.32
C HIS E 114 -8.66 -3.29 19.83
N ILE E 115 -7.54 -2.76 20.33
CA ILE E 115 -7.32 -2.76 21.78
C ILE E 115 -8.37 -1.92 22.48
N ASN E 116 -8.88 -0.88 21.81
CA ASN E 116 -10.00 -0.12 22.34
C ASN E 116 -11.24 -0.97 22.57
N GLU E 117 -11.34 -2.14 21.92
CA GLU E 117 -12.54 -2.96 21.94
C GLU E 117 -12.52 -4.06 23.00
N VAL E 118 -11.47 -4.17 23.81
CA VAL E 118 -11.33 -5.30 24.72
C VAL E 118 -11.15 -4.86 26.17
N VAL E 119 -11.80 -3.76 26.58
CA VAL E 119 -11.63 -3.23 27.92
C VAL E 119 -12.44 -4.05 28.92
N LEU E 120 -11.89 -4.24 30.12
CA LEU E 120 -12.58 -4.91 31.22
C LEU E 120 -12.51 -4.00 32.44
N LEU E 121 -13.65 -3.43 32.83
CA LEU E 121 -13.66 -2.39 33.84
C LEU E 121 -13.75 -2.96 35.25
N ASP E 122 -13.41 -2.12 36.22
CA ASP E 122 -13.54 -2.45 37.62
C ASP E 122 -15.01 -2.39 38.06
N ALA E 123 -15.31 -3.03 39.17
CA ALA E 123 -16.65 -2.94 39.72
C ALA E 123 -16.92 -1.51 40.19
N PRO E 124 -18.09 -0.96 39.89
CA PRO E 124 -18.43 0.36 40.43
C PRO E 124 -18.56 0.31 41.95
N VAL E 125 -18.26 1.44 42.58
CA VAL E 125 -18.35 1.57 44.04
C VAL E 125 -19.28 2.71 44.38
N GLY E 126 -19.66 2.80 45.66
CA GLY E 126 -20.46 3.90 46.14
C GLY E 126 -21.96 3.75 45.98
N LEU E 127 -22.47 2.54 45.85
CA LEU E 127 -23.89 2.33 45.61
C LEU E 127 -24.70 2.57 46.89
N VAL E 128 -25.72 3.43 46.80
CA VAL E 128 -26.66 3.68 47.88
C VAL E 128 -28.07 3.66 47.32
N ALA E 129 -29.05 3.51 48.22
CA ALA E 129 -30.45 3.51 47.83
C ALA E 129 -31.27 4.23 48.89
N ARG E 130 -32.38 4.83 48.47
CA ARG E 130 -33.24 5.59 49.37
C ARG E 130 -34.58 5.81 48.70
N LEU E 131 -35.66 5.77 49.48
CA LEU E 131 -36.99 6.02 48.97
C LEU E 131 -37.35 7.51 49.05
N SER E 135 -43.65 9.37 50.06
CA SER E 135 -43.43 8.07 49.46
C SER E 135 -43.37 8.15 47.95
N GLY E 136 -42.73 7.16 47.32
CA GLY E 136 -42.60 7.12 45.88
C GLY E 136 -41.70 5.99 45.43
N HIS E 137 -40.88 6.25 44.42
CA HIS E 137 -39.94 5.27 43.90
C HIS E 137 -38.56 5.51 44.51
N VAL E 138 -37.66 4.55 44.30
CA VAL E 138 -36.36 4.55 44.99
C VAL E 138 -35.29 5.16 44.09
N VAL E 139 -34.40 5.95 44.68
CA VAL E 139 -33.30 6.58 43.97
C VAL E 139 -32.00 5.85 44.31
N LEU E 140 -31.47 5.10 43.36
CA LEU E 140 -30.12 4.57 43.46
C LEU E 140 -29.14 5.59 42.91
N ARG E 141 -27.95 5.64 43.53
CA ARG E 141 -26.86 6.45 43.03
C ARG E 141 -25.56 5.74 43.36
N TRP E 142 -24.55 5.96 42.52
CA TRP E 142 -23.29 5.25 42.69
C TRP E 142 -22.18 6.03 41.98
N LEU E 143 -20.96 5.52 42.09
CA LEU E 143 -19.75 6.16 41.61
C LEU E 143 -19.12 5.32 40.51
N PRO E 144 -18.49 5.96 39.51
CA PRO E 144 -17.85 5.18 38.44
C PRO E 144 -16.67 4.38 38.98
N PRO E 145 -16.31 3.28 38.32
CA PRO E 145 -15.21 2.43 38.83
C PRO E 145 -13.94 3.23 39.05
N PRO E 146 -13.33 3.12 40.23
CA PRO E 146 -12.27 4.06 40.60
C PRO E 146 -10.98 3.83 39.82
N GLU E 147 -10.21 4.89 39.69
CA GLU E 147 -8.91 4.86 39.02
C GLU E 147 -9.02 4.34 37.59
N THR E 148 -10.13 4.70 36.92
CA THR E 148 -10.28 4.47 35.48
C THR E 148 -10.68 5.78 34.83
N PRO E 149 -9.96 6.23 33.81
CA PRO E 149 -10.31 7.50 33.16
C PRO E 149 -11.56 7.38 32.32
N MET E 150 -11.87 8.43 31.56
CA MET E 150 -12.97 8.40 30.61
C MET E 150 -14.29 8.14 31.32
N THR E 151 -14.43 8.67 32.53
CA THR E 151 -15.60 8.39 33.35
C THR E 151 -16.89 8.89 32.73
N SER E 152 -16.81 9.78 31.75
CA SER E 152 -17.97 10.29 31.03
C SER E 152 -18.36 9.39 29.85
N HIS E 153 -17.90 8.14 29.83
CA HIS E 153 -18.20 7.23 28.72
C HIS E 153 -18.56 5.83 29.19
N ILE E 154 -18.89 5.64 30.46
CA ILE E 154 -19.09 4.31 31.02
C ILE E 154 -20.53 3.87 30.77
N ARG E 155 -20.75 2.57 30.63
CA ARG E 155 -22.08 1.99 30.63
C ARG E 155 -22.31 1.22 31.92
N TYR E 156 -23.54 1.32 32.45
CA TYR E 156 -23.92 0.66 33.69
C TYR E 156 -25.24 -0.08 33.48
N GLU E 157 -25.40 -1.15 34.26
CA GLU E 157 -26.63 -1.94 34.26
C GLU E 157 -26.94 -2.34 35.70
N VAL E 158 -28.17 -2.17 36.13
CA VAL E 158 -28.56 -2.53 37.50
C VAL E 158 -29.43 -3.79 37.47
N ASP E 159 -29.61 -4.38 38.65
CA ASP E 159 -30.32 -5.66 38.78
C ASP E 159 -31.17 -5.61 40.05
N VAL E 160 -32.48 -5.49 39.88
CA VAL E 160 -33.42 -5.45 40.99
C VAL E 160 -33.79 -6.89 41.34
N SER E 161 -33.16 -7.44 42.38
CA SER E 161 -33.46 -8.78 42.86
C SER E 161 -34.31 -8.73 44.12
N ALA E 162 -35.09 -9.79 44.34
CA ALA E 162 -35.99 -9.85 45.49
C ALA E 162 -36.03 -11.25 46.08
N SER E 168 -38.21 -11.14 40.56
CA SER E 168 -37.13 -11.63 41.42
C SER E 168 -35.73 -11.25 40.89
N VAL E 169 -35.64 -11.07 39.58
CA VAL E 169 -34.47 -10.57 38.87
C VAL E 169 -34.90 -9.65 37.73
N GLN E 170 -35.01 -8.35 37.99
CA GLN E 170 -35.31 -7.38 36.94
C GLN E 170 -34.07 -6.53 36.71
N ARG E 171 -33.63 -6.45 35.46
CA ARG E 171 -32.42 -5.73 35.11
C ARG E 171 -32.82 -4.46 34.37
N VAL E 172 -32.34 -3.31 34.86
CA VAL E 172 -32.62 -2.01 34.27
C VAL E 172 -31.34 -1.52 33.62
N GLU E 173 -31.43 -1.18 32.33
CA GLU E 173 -30.25 -0.88 31.53
C GLU E 173 -30.05 0.62 31.39
N ILE E 174 -28.81 1.06 31.59
CA ILE E 174 -28.44 2.47 31.58
C ILE E 174 -27.35 2.65 30.53
N LEU E 175 -27.02 3.90 30.24
CA LEU E 175 -26.14 4.24 29.12
C LEU E 175 -25.16 5.32 29.59
N GLU E 176 -24.53 6.01 28.63
CA GLU E 176 -23.31 6.77 28.89
C GLU E 176 -23.47 7.81 29.99
N GLY E 177 -22.55 7.77 30.96
CA GLY E 177 -22.35 8.85 31.91
C GLY E 177 -23.40 9.05 32.96
N ARG E 178 -24.17 8.03 33.31
CA ARG E 178 -25.24 8.14 34.30
C ARG E 178 -24.82 7.45 35.59
N THR E 179 -25.10 8.10 36.72
CA THR E 179 -24.75 7.52 38.02
C THR E 179 -25.94 7.53 38.96
N GLU E 180 -27.17 7.41 38.43
CA GLU E 180 -28.33 7.28 39.30
C GLU E 180 -29.50 6.71 38.49
N CYS E 181 -30.56 6.37 39.22
CA CYS E 181 -31.76 5.77 38.65
C CYS E 181 -32.91 5.91 39.63
N VAL E 182 -34.11 6.14 39.11
CA VAL E 182 -35.34 6.13 39.89
C VAL E 182 -36.10 4.85 39.53
N LEU E 183 -36.18 3.92 40.49
CA LEU E 183 -36.73 2.59 40.23
C LEU E 183 -38.25 2.69 40.24
N SER E 184 -38.78 3.14 39.11
CA SER E 184 -40.22 3.18 38.92
C SER E 184 -40.79 1.76 38.83
N ASN E 185 -42.07 1.64 39.17
CA ASN E 185 -42.80 0.37 39.14
C ASN E 185 -42.10 -0.67 40.03
N LEU E 186 -42.11 -0.38 41.33
CA LEU E 186 -41.54 -1.28 42.32
C LEU E 186 -42.68 -1.91 43.12
N ARG E 187 -42.32 -2.66 44.16
CA ARG E 187 -43.30 -3.36 44.98
C ARG E 187 -43.20 -2.87 46.42
N GLY E 188 -44.06 -3.44 47.28
CA GLY E 188 -44.02 -3.14 48.69
C GLY E 188 -44.02 -4.43 49.50
N ARG E 189 -43.52 -4.32 50.73
CA ARG E 189 -43.40 -5.45 51.64
C ARG E 189 -42.61 -6.60 51.01
N THR E 190 -41.48 -6.25 50.38
CA THR E 190 -40.57 -7.21 49.78
C THR E 190 -39.15 -6.71 49.95
N ARG E 191 -38.24 -7.61 50.32
CA ARG E 191 -36.83 -7.25 50.41
C ARG E 191 -36.23 -7.16 49.01
N TYR E 192 -35.52 -6.06 48.73
CA TYR E 192 -34.90 -5.82 47.43
C TYR E 192 -33.40 -5.65 47.58
N THR E 193 -32.66 -6.26 46.65
CA THR E 193 -31.21 -6.12 46.55
C THR E 193 -30.88 -5.47 45.21
N PHE E 194 -29.90 -4.56 45.22
CA PHE E 194 -29.53 -3.82 44.03
C PHE E 194 -28.02 -3.92 43.80
N ALA E 195 -27.62 -3.76 42.54
CA ALA E 195 -26.22 -3.79 42.17
C ALA E 195 -26.08 -3.17 40.79
N VAL E 196 -24.86 -2.74 40.46
CA VAL E 196 -24.56 -2.12 39.17
C VAL E 196 -23.21 -2.61 38.66
N ARG E 197 -23.15 -2.94 37.37
CA ARG E 197 -21.94 -3.32 36.68
C ARG E 197 -21.46 -2.17 35.79
N ALA E 198 -20.36 -2.37 35.08
CA ALA E 198 -19.78 -1.28 34.30
C ALA E 198 -19.01 -1.81 33.10
N ARG E 199 -19.12 -1.08 31.99
CA ARG E 199 -18.40 -1.43 30.77
C ARG E 199 -18.23 -0.16 29.96
N MET E 200 -17.23 -0.14 29.09
CA MET E 200 -17.08 0.99 28.18
C MET E 200 -17.95 0.77 26.96
N ALA E 201 -18.75 1.79 26.61
CA ALA E 201 -19.65 1.71 25.47
C ALA E 201 -19.56 3.03 24.71
N GLU E 202 -19.00 2.96 23.51
CA GLU E 202 -18.94 4.10 22.60
C GLU E 202 -18.65 3.57 21.21
N PRO E 203 -18.83 4.40 20.18
CA PRO E 203 -18.45 3.97 18.82
C PRO E 203 -17.03 3.43 18.75
N SER E 204 -16.11 4.00 19.53
CA SER E 204 -14.73 3.55 19.59
C SER E 204 -14.37 2.96 20.94
N PHE E 205 -15.35 2.49 21.71
CA PHE E 205 -15.09 1.93 23.04
C PHE E 205 -16.01 0.73 23.26
N GLY E 206 -15.40 -0.46 23.34
CA GLY E 206 -16.14 -1.67 23.66
C GLY E 206 -15.31 -2.55 24.58
N GLY E 207 -15.96 -3.56 25.13
CA GLY E 207 -15.30 -4.47 26.05
C GLY E 207 -16.30 -5.36 26.74
N PHE E 208 -15.82 -6.06 27.77
CA PHE E 208 -16.65 -6.96 28.56
C PHE E 208 -17.19 -6.25 29.80
N TRP E 209 -18.34 -6.75 30.26
CA TRP E 209 -18.98 -6.21 31.45
C TRP E 209 -18.09 -6.41 32.67
N SER E 210 -18.12 -5.44 33.59
CA SER E 210 -17.38 -5.59 34.83
C SER E 210 -18.06 -6.59 35.76
N ALA E 211 -17.38 -6.89 36.86
CA ALA E 211 -18.01 -7.64 37.93
C ALA E 211 -19.05 -6.75 38.61
N TRP E 212 -20.04 -7.39 39.23
CA TRP E 212 -21.12 -6.66 39.86
C TRP E 212 -20.61 -5.90 41.07
N SER E 213 -21.10 -4.68 41.24
CA SER E 213 -20.76 -3.90 42.43
C SER E 213 -21.24 -4.62 43.68
N GLU E 214 -20.69 -4.20 44.82
CA GLU E 214 -21.19 -4.74 46.08
C GLU E 214 -22.67 -4.36 46.23
N PRO E 215 -23.52 -5.30 46.62
CA PRO E 215 -24.96 -5.04 46.61
C PRO E 215 -25.42 -4.23 47.81
N VAL E 216 -26.44 -3.41 47.57
CA VAL E 216 -27.08 -2.64 48.61
C VAL E 216 -28.50 -3.18 48.79
N SER E 217 -28.93 -3.30 50.04
CA SER E 217 -30.23 -3.85 50.38
C SER E 217 -31.15 -2.76 50.89
N LEU E 218 -32.46 -2.96 50.69
CA LEU E 218 -33.47 -1.98 51.09
C LEU E 218 -34.85 -2.61 51.14
N LEU E 219 -35.60 -2.37 52.23
CA LEU E 219 -36.92 -2.95 52.41
C LEU E 219 -37.99 -1.93 52.06
N THR E 220 -38.93 -2.32 51.20
CA THR E 220 -39.92 -1.40 50.67
C THR E 220 -40.96 -1.03 51.72
N PRO E 221 -41.69 0.11 51.52
CA PRO E 221 -42.66 0.53 52.54
C PRO E 221 -43.93 -0.30 52.58
N SER E 222 -44.82 0.03 53.50
CA SER E 222 -46.09 -0.68 53.61
C SER E 222 -46.91 -0.50 52.34
N ASP E 223 -47.66 -1.53 51.99
CA ASP E 223 -48.48 -1.49 50.78
C ASP E 223 -49.89 -2.04 51.05
#